data_4ZXW
#
_entry.id   4ZXW
#
_cell.length_a   99.397
_cell.length_b   105.304
_cell.length_c   108.167
_cell.angle_alpha   90.00
_cell.angle_beta   90.00
_cell.angle_gamma   90.00
#
_symmetry.space_group_name_H-M   'P 21 21 21'
#
loop_
_entity.id
_entity.type
_entity.pdbx_description
1 polymer 'C-domain type II peptide synthetase'
2 branched beta-D-fructofuranose-(2-1)-alpha-D-glucopyranose
3 non-polymer (1R)-1-(naphthalen-2-yl)ethane-1,2-diol
4 non-polymer 'SULFATE ION'
5 non-polymer '3-CYCLOHEXYL-1-PROPYLSULFONIC ACID'
6 water water
#
_entity_poly.entity_id   1
_entity_poly.type   'polypeptide(L)'
_entity_poly.pdbx_seq_one_letter_code
;SNAMTTSDTTDRSQDGVPPLSFHQEFLCMFDSGNDGADVGPFGPMYHIVGAWRLTGGIDEETLREALGDVVVRHEALRTS
LVREGGTHRPEILPAGPAALEVRDLGDVDESERVRRGEELLNEVESTGLSVRELPLLRAVLGRFDQKDAVLVLIAHHTAA
DAWAMHVIARDLLNLYAARRGNPVPPLPEPAQHAEFARWEREAAEAPRVAVSKEFWRKRLQGARIIGLETDIPRSAGLPK
GTAWQRFAVRGELADAVVEFSRAAKCSPFMTMFAAYQVLLHRRTGELDITVPTFSGGRNNSRFEDTVGSFINFLPLRTDL
SGCASFREVVLRTRTTCGEAFTHELPFSRLIPEVPELMASAASDNHQISVFQAVHAPASEGPEQAGDLTYSKIWERQLSQ
AEGSDIPDGVLWSIHIDPSGSMAGSLGYNTNRFKDETMAAFLADYLDVLENAVARPDAPFTS
;
_entity_poly.pdbx_strand_id   A,B
#
# COMPACT_ATOMS: atom_id res chain seq x y z
N PRO A 18 -3.86 0.63 28.54
CA PRO A 18 -5.27 1.03 28.64
C PRO A 18 -6.23 -0.07 28.17
N PRO A 19 -7.50 -0.04 28.64
CA PRO A 19 -8.47 -1.01 28.10
C PRO A 19 -9.09 -0.45 26.85
N LEU A 20 -9.91 -1.24 26.15
CA LEU A 20 -10.62 -0.66 25.04
C LEU A 20 -11.60 0.38 25.59
N SER A 21 -11.84 1.42 24.82
CA SER A 21 -12.86 2.38 25.22
C SER A 21 -14.18 1.72 24.93
N PHE A 22 -15.25 2.29 25.50
CA PHE A 22 -16.60 1.88 25.19
C PHE A 22 -16.86 1.91 23.69
N HIS A 23 -16.39 2.95 23.02
CA HIS A 23 -16.57 2.99 21.59
C HIS A 23 -15.83 1.83 20.90
N GLN A 24 -14.62 1.51 21.34
CA GLN A 24 -13.91 0.39 20.74
C GLN A 24 -14.56 -0.96 21.08
N GLU A 25 -15.23 -1.03 22.24
CA GLU A 25 -16.04 -2.20 22.60
C GLU A 25 -17.24 -2.32 21.67
N PHE A 26 -17.86 -1.18 21.40
CA PHE A 26 -18.95 -1.16 20.42
C PHE A 26 -18.46 -1.76 19.09
N LEU A 27 -17.28 -1.34 18.62
CA LEU A 27 -16.73 -1.84 17.35
C LEU A 27 -16.47 -3.35 17.39
N CYS A 28 -15.97 -3.85 18.51
CA CYS A 28 -15.80 -5.30 18.70
C CYS A 28 -17.06 -6.06 18.37
N MET A 29 -18.22 -5.48 18.67
CA MET A 29 -19.46 -6.19 18.38
C MET A 29 -19.60 -6.34 16.88
N PHE A 30 -18.95 -5.44 16.14
CA PHE A 30 -19.06 -5.46 14.69
C PHE A 30 -17.82 -5.99 14.04
N ASP A 31 -17.06 -6.76 14.79
CA ASP A 31 -15.78 -7.26 14.32
C ASP A 31 -16.09 -8.31 13.29
N SER A 32 -15.07 -8.76 12.58
CA SER A 32 -15.19 -9.83 11.60
C SER A 32 -14.88 -11.20 12.19
N GLY A 33 -14.52 -11.27 13.47
CA GLY A 33 -13.96 -12.48 14.04
C GLY A 33 -12.59 -12.76 13.45
N ASN A 34 -11.98 -13.90 13.80
CA ASN A 34 -10.67 -14.25 13.24
C ASN A 34 -10.75 -15.44 12.28
N ASP A 35 -11.42 -15.22 11.15
CA ASP A 35 -11.58 -16.29 10.17
C ASP A 35 -11.22 -15.82 8.77
N GLY A 36 -9.92 -15.63 8.55
CA GLY A 36 -9.38 -15.54 7.21
C GLY A 36 -9.11 -14.12 6.72
N ALA A 37 -10.15 -13.29 6.73
CA ALA A 37 -10.10 -12.05 5.99
C ALA A 37 -9.86 -10.84 6.90
N ASP A 38 -8.98 -9.97 6.45
CA ASP A 38 -8.59 -8.77 7.19
C ASP A 38 -9.51 -7.59 6.88
N VAL A 39 -10.68 -7.57 7.49
CA VAL A 39 -11.72 -6.61 7.15
C VAL A 39 -12.36 -6.07 8.39
N GLY A 40 -13.35 -5.21 8.19
CA GLY A 40 -14.09 -4.67 9.30
C GLY A 40 -13.28 -3.65 10.07
N PRO A 41 -13.70 -3.36 11.30
CA PRO A 41 -13.23 -2.14 11.96
C PRO A 41 -11.82 -2.23 12.53
N PHE A 42 -11.29 -3.43 12.65
CA PHE A 42 -9.91 -3.58 13.11
C PHE A 42 -9.06 -4.00 11.93
N GLY A 43 -9.67 -3.95 10.74
CA GLY A 43 -8.97 -4.10 9.47
C GLY A 43 -8.45 -2.76 8.94
N PRO A 44 -7.66 -2.81 7.86
CA PRO A 44 -6.92 -1.64 7.35
C PRO A 44 -7.75 -0.67 6.53
N MET A 45 -9.00 -0.99 6.22
CA MET A 45 -9.85 -0.04 5.49
C MET A 45 -10.75 0.79 6.41
N TYR A 46 -10.67 0.56 7.72
CA TYR A 46 -11.53 1.31 8.64
C TYR A 46 -10.77 2.58 9.04
N HIS A 47 -10.79 3.56 8.16
CA HIS A 47 -10.05 4.79 8.40
C HIS A 47 -10.94 5.99 8.10
N ILE A 48 -10.43 7.17 8.44
CA ILE A 48 -11.14 8.43 8.26
C ILE A 48 -10.13 9.38 7.61
N VAL A 49 -10.57 10.17 6.63
CA VAL A 49 -9.73 11.18 5.99
C VAL A 49 -10.21 12.60 6.29
N GLY A 50 -9.26 13.53 6.22
CA GLY A 50 -9.52 14.95 6.21
C GLY A 50 -8.63 15.61 5.16
N ALA A 51 -9.22 16.50 4.38
CA ALA A 51 -8.52 17.23 3.35
C ALA A 51 -8.66 18.74 3.59
N TRP A 52 -7.54 19.44 3.52
CA TRP A 52 -7.48 20.87 3.68
C TRP A 52 -6.81 21.51 2.49
N ARG A 53 -7.36 22.63 2.06
CA ARG A 53 -6.79 23.43 1.02
C ARG A 53 -5.81 24.34 1.75
N LEU A 54 -4.57 24.35 1.31
CA LEU A 54 -3.51 25.16 1.90
C LEU A 54 -3.09 26.28 0.96
N THR A 55 -3.11 27.52 1.44
CA THR A 55 -2.64 28.68 0.66
C THR A 55 -1.39 29.26 1.31
N GLY A 56 -0.31 29.34 0.53
CA GLY A 56 0.98 29.75 1.06
C GLY A 56 2.07 28.76 0.70
N GLY A 57 3.30 29.27 0.64
CA GLY A 57 4.44 28.42 0.41
C GLY A 57 4.63 27.42 1.52
N ILE A 58 5.07 26.22 1.15
CA ILE A 58 5.25 25.13 2.10
C ILE A 58 6.71 24.64 2.14
N ASP A 59 7.24 24.52 3.34
CA ASP A 59 8.52 23.83 3.57
C ASP A 59 8.22 22.38 3.92
N GLU A 60 8.30 21.51 2.93
CA GLU A 60 7.84 20.13 3.09
C GLU A 60 8.62 19.42 4.21
N GLU A 61 9.92 19.68 4.34
CA GLU A 61 10.73 19.05 5.39
C GLU A 61 10.14 19.40 6.73
N THR A 62 9.77 20.66 6.90
CA THR A 62 9.39 21.11 8.21
C THR A 62 7.98 20.62 8.49
N LEU A 63 7.20 20.48 7.44
CA LEU A 63 5.83 19.97 7.62
C LEU A 63 5.92 18.50 8.02
N ARG A 64 6.83 17.79 7.37
CA ARG A 64 7.05 16.41 7.74
C ARG A 64 7.46 16.28 9.22
N GLU A 65 8.39 17.14 9.68
CA GLU A 65 8.78 17.15 11.10
C GLU A 65 7.58 17.46 12.01
N ALA A 66 6.77 18.44 11.62
CA ALA A 66 5.54 18.76 12.39
C ALA A 66 4.61 17.53 12.53
N LEU A 67 4.51 16.75 11.47
CA LEU A 67 3.67 15.55 11.52
C LEU A 67 4.24 14.54 12.54
N GLY A 68 5.57 14.45 12.63
CA GLY A 68 6.17 13.67 13.69
C GLY A 68 5.78 14.21 15.04
N ASP A 69 5.88 15.53 15.22
CA ASP A 69 5.51 16.18 16.48
C ASP A 69 4.08 15.82 16.88
N VAL A 70 3.19 15.78 15.89
CA VAL A 70 1.77 15.58 16.12
C VAL A 70 1.53 14.18 16.67
N VAL A 71 2.26 13.23 16.11
CA VAL A 71 2.11 11.85 16.52
C VAL A 71 2.75 11.65 17.89
N VAL A 72 3.83 12.37 18.17
CA VAL A 72 4.40 12.28 19.50
C VAL A 72 3.43 12.86 20.51
N ARG A 73 2.76 13.95 20.12
CA ARG A 73 1.85 14.69 21.00
C ARG A 73 0.63 13.87 21.47
N HIS A 74 0.06 13.09 20.55
CA HIS A 74 -1.14 12.31 20.83
C HIS A 74 -0.92 10.79 20.90
N GLU A 75 -1.02 10.24 22.09
CA GLU A 75 -0.84 8.80 22.28
C GLU A 75 -1.77 7.92 21.44
N ALA A 76 -2.99 8.37 21.21
CA ALA A 76 -3.94 7.61 20.42
C ALA A 76 -3.42 7.33 19.00
N LEU A 77 -2.54 8.20 18.50
CA LEU A 77 -1.99 8.01 17.16
C LEU A 77 -0.81 7.05 17.17
N ARG A 78 -0.48 6.57 18.36
CA ARG A 78 0.57 5.59 18.56
C ARG A 78 0.04 4.34 19.27
N THR A 79 -1.27 4.19 19.33
CA THR A 79 -1.88 3.10 20.08
C THR A 79 -2.39 2.05 19.12
N SER A 80 -1.53 1.07 18.84
CA SER A 80 -1.88 -0.05 18.00
C SER A 80 -2.89 -0.93 18.72
N LEU A 81 -3.63 -1.70 17.94
CA LEU A 81 -4.59 -2.66 18.50
C LEU A 81 -4.23 -4.02 17.93
N VAL A 82 -3.91 -4.98 18.78
CA VAL A 82 -3.47 -6.24 18.24
C VAL A 82 -4.43 -7.37 18.66
N ARG A 83 -4.64 -8.33 17.78
CA ARG A 83 -5.53 -9.46 18.06
C ARG A 83 -4.97 -10.25 19.21
N GLU A 84 -5.78 -10.33 20.25
CA GLU A 84 -5.43 -11.00 21.48
C GLU A 84 -6.61 -11.90 21.78
N GLY A 85 -6.46 -13.19 21.50
CA GLY A 85 -7.47 -14.20 21.78
C GLY A 85 -8.93 -13.76 21.79
N GLY A 86 -9.52 -13.61 20.62
CA GLY A 86 -10.90 -13.17 20.51
C GLY A 86 -11.09 -11.66 20.44
N THR A 87 -10.35 -10.91 21.26
CA THR A 87 -10.54 -9.45 21.32
C THR A 87 -9.28 -8.71 20.81
N HIS A 88 -9.16 -7.43 21.19
CA HIS A 88 -8.07 -6.60 20.73
C HIS A 88 -7.44 -5.89 21.92
N ARG A 89 -6.11 -5.86 21.95
CA ARG A 89 -5.40 -5.30 23.08
C ARG A 89 -4.72 -4.01 22.63
N PRO A 90 -4.93 -2.91 23.35
CA PRO A 90 -4.21 -1.67 23.03
C PRO A 90 -2.77 -1.72 23.48
N GLU A 91 -1.90 -1.11 22.71
CA GLU A 91 -0.52 -0.96 23.13
C GLU A 91 -0.03 0.39 22.66
N ILE A 92 0.40 1.22 23.60
CA ILE A 92 0.97 2.51 23.25
C ILE A 92 2.43 2.30 22.84
N LEU A 93 2.75 2.72 21.61
CA LEU A 93 4.10 2.56 21.05
C LEU A 93 4.82 3.90 20.91
N PRO A 94 6.16 3.86 20.92
CA PRO A 94 6.93 5.05 20.55
C PRO A 94 6.67 5.49 19.11
N ALA A 95 6.53 6.79 18.88
CA ALA A 95 6.33 7.32 17.52
C ALA A 95 7.33 6.69 16.55
N GLY A 96 6.87 6.36 15.35
CA GLY A 96 7.80 5.94 14.32
C GLY A 96 8.33 7.14 13.54
N PRO A 97 9.09 6.87 12.48
CA PRO A 97 9.70 7.90 11.61
C PRO A 97 8.67 8.86 11.04
N ALA A 98 8.97 10.15 11.12
CA ALA A 98 8.11 11.15 10.50
C ALA A 98 8.13 10.91 8.99
N ALA A 99 6.97 10.86 8.38
CA ALA A 99 6.84 10.54 6.97
C ALA A 99 5.82 11.45 6.31
N LEU A 100 6.11 11.82 5.07
CA LEU A 100 5.23 12.63 4.24
C LEU A 100 5.43 12.27 2.79
N GLU A 101 4.34 11.91 2.14
CA GLU A 101 4.35 11.77 0.70
C GLU A 101 3.89 13.06 0.03
N VAL A 102 4.61 13.47 -1.02
CA VAL A 102 4.25 14.65 -1.75
C VAL A 102 4.03 14.31 -3.21
N ARG A 103 2.96 14.85 -3.77
CA ARG A 103 2.70 14.70 -5.20
C ARG A 103 2.51 16.06 -5.89
N ASP A 104 3.05 16.21 -7.08
CA ASP A 104 2.87 17.41 -7.91
C ASP A 104 1.61 17.23 -8.78
N LEU A 105 0.49 17.87 -8.43
CA LEU A 105 -0.78 17.59 -9.11
C LEU A 105 -0.93 18.41 -10.38
N GLY A 106 -0.14 19.45 -10.52
CA GLY A 106 -0.12 20.19 -11.76
C GLY A 106 -0.74 21.55 -11.56
N ASP A 107 -0.13 22.52 -12.23
CA ASP A 107 -0.54 23.93 -12.19
C ASP A 107 -1.64 24.12 -13.20
N VAL A 108 -2.89 23.87 -12.83
CA VAL A 108 -3.97 23.86 -13.80
C VAL A 108 -5.05 24.81 -13.35
N ASP A 109 -6.14 24.91 -14.10
CA ASP A 109 -7.16 25.90 -13.74
C ASP A 109 -7.90 25.39 -12.49
N GLU A 110 -8.63 26.28 -11.83
CA GLU A 110 -9.18 25.98 -10.51
C GLU A 110 -10.02 24.70 -10.54
N SER A 111 -10.94 24.64 -11.49
CA SER A 111 -11.88 23.54 -11.54
C SER A 111 -11.16 22.21 -11.74
N GLU A 112 -10.04 22.24 -12.45
CA GLU A 112 -9.24 21.02 -12.58
C GLU A 112 -8.49 20.72 -11.28
N ARG A 113 -8.12 21.76 -10.53
CA ARG A 113 -7.50 21.56 -9.23
C ARG A 113 -8.47 20.89 -8.28
N VAL A 114 -9.73 21.33 -8.30
CA VAL A 114 -10.73 20.70 -7.46
C VAL A 114 -10.87 19.23 -7.85
N ARG A 115 -10.98 18.95 -9.13
CA ARG A 115 -11.09 17.56 -9.59
C ARG A 115 -9.90 16.66 -9.21
N ARG A 116 -8.68 17.12 -9.51
CA ARG A 116 -7.49 16.33 -9.21
C ARG A 116 -7.33 16.16 -7.71
N GLY A 117 -7.72 17.18 -6.96
CA GLY A 117 -7.80 17.07 -5.52
C GLY A 117 -8.78 15.99 -5.02
N GLU A 118 -9.93 15.88 -5.67
CA GLU A 118 -10.92 14.90 -5.24
C GLU A 118 -10.42 13.51 -5.57
N GLU A 119 -9.77 13.38 -6.71
CA GLU A 119 -9.21 12.12 -7.14
C GLU A 119 -8.11 11.68 -6.19
N LEU A 120 -7.31 12.63 -5.72
CA LEU A 120 -6.28 12.27 -4.75
C LEU A 120 -6.91 11.79 -3.45
N LEU A 121 -7.98 12.46 -3.02
CA LEU A 121 -8.63 12.08 -1.77
C LEU A 121 -9.20 10.67 -1.87
N ASN A 122 -9.81 10.40 -3.03
CA ASN A 122 -10.38 9.09 -3.26
C ASN A 122 -9.27 8.05 -3.26
N GLU A 123 -8.13 8.40 -3.88
CA GLU A 123 -7.08 7.41 -4.01
C GLU A 123 -6.57 7.07 -2.62
N VAL A 124 -6.33 8.09 -1.81
CA VAL A 124 -5.86 7.85 -0.46
C VAL A 124 -6.88 7.00 0.30
N GLU A 125 -8.17 7.31 0.22
CA GLU A 125 -9.16 6.56 0.98
C GLU A 125 -9.28 5.13 0.46
N SER A 126 -8.83 4.89 -0.77
CA SER A 126 -8.94 3.54 -1.31
C SER A 126 -7.75 2.66 -0.82
N THR A 127 -6.76 3.24 -0.15
CA THR A 127 -5.61 2.47 0.27
C THR A 127 -5.79 2.05 1.73
N GLY A 128 -5.15 0.96 2.15
CA GLY A 128 -5.21 0.51 3.53
C GLY A 128 -4.25 1.16 4.54
N LEU A 129 -4.64 1.11 5.80
CA LEU A 129 -3.80 1.57 6.90
C LEU A 129 -4.06 0.69 8.14
N SER A 130 -3.09 -0.18 8.42
CA SER A 130 -3.24 -1.22 9.44
C SER A 130 -3.27 -0.64 10.82
N VAL A 131 -4.13 -1.16 11.70
CA VAL A 131 -4.15 -0.75 13.10
C VAL A 131 -3.14 -1.53 13.93
N ARG A 132 -2.63 -2.63 13.35
CA ARG A 132 -1.82 -3.56 14.13
C ARG A 132 -0.39 -3.07 14.30
N GLU A 133 0.02 -2.06 13.53
CA GLU A 133 1.31 -1.41 13.77
C GLU A 133 1.31 0.00 13.22
N LEU A 134 2.20 0.82 13.73
CA LEU A 134 2.39 2.16 13.21
C LEU A 134 2.75 2.12 11.73
N PRO A 135 2.45 3.21 11.01
CA PRO A 135 1.71 4.41 11.44
C PRO A 135 0.20 4.19 11.53
N LEU A 136 -0.42 5.04 12.33
CA LEU A 136 -1.87 5.07 12.46
C LEU A 136 -2.44 6.35 11.78
N LEU A 137 -1.53 7.23 11.36
CA LEU A 137 -1.80 8.47 10.63
C LEU A 137 -0.82 8.56 9.49
N ARG A 138 -1.33 8.85 8.31
CA ARG A 138 -0.50 9.17 7.16
C ARG A 138 -0.95 10.48 6.55
N ALA A 139 -0.02 11.10 5.82
CA ALA A 139 -0.22 12.40 5.18
C ALA A 139 0.28 12.38 3.76
N VAL A 140 -0.54 12.89 2.86
CA VAL A 140 -0.20 13.04 1.46
C VAL A 140 -0.46 14.48 1.09
N LEU A 141 0.57 15.18 0.61
CA LEU A 141 0.45 16.57 0.19
C LEU A 141 0.41 16.65 -1.33
N GLY A 142 -0.69 17.15 -1.87
CA GLY A 142 -0.80 17.35 -3.31
C GLY A 142 -0.64 18.82 -3.64
N ARG A 143 0.46 19.14 -4.30
CA ARG A 143 0.82 20.54 -4.57
C ARG A 143 0.47 20.89 -6.00
N PHE A 144 -0.26 21.99 -6.18
CA PHE A 144 -0.62 22.44 -7.53
C PHE A 144 0.44 23.41 -8.06
N ASP A 145 0.81 24.34 -7.20
CA ASP A 145 1.93 25.20 -7.47
C ASP A 145 2.57 25.56 -6.14
N GLN A 146 3.46 26.53 -6.19
CA GLN A 146 4.26 26.87 -5.03
C GLN A 146 3.40 27.36 -3.85
N LYS A 147 2.21 27.88 -4.12
CA LYS A 147 1.42 28.52 -3.08
C LYS A 147 0.03 27.90 -2.87
N ASP A 148 -0.28 26.84 -3.61
CA ASP A 148 -1.58 26.14 -3.52
C ASP A 148 -1.38 24.62 -3.44
N ALA A 149 -2.02 24.00 -2.45
CA ALA A 149 -1.92 22.59 -2.19
C ALA A 149 -3.19 22.06 -1.56
N VAL A 150 -3.35 20.74 -1.63
CA VAL A 150 -4.34 20.02 -0.82
C VAL A 150 -3.62 19.08 0.14
N LEU A 151 -3.88 19.19 1.43
CA LEU A 151 -3.26 18.29 2.38
C LEU A 151 -4.27 17.22 2.82
N VAL A 152 -3.91 15.97 2.62
CA VAL A 152 -4.76 14.84 2.97
C VAL A 152 -4.17 14.07 4.15
N LEU A 153 -4.98 13.97 5.20
CA LEU A 153 -4.65 13.14 6.34
C LEU A 153 -5.61 11.97 6.41
N ILE A 154 -5.05 10.82 6.73
CA ILE A 154 -5.84 9.62 6.88
C ILE A 154 -5.38 8.94 8.18
N ALA A 155 -6.33 8.49 8.98
CA ALA A 155 -6.04 7.97 10.31
C ALA A 155 -6.92 6.74 10.54
N HIS A 156 -6.44 5.74 11.27
CA HIS A 156 -7.33 4.61 11.55
C HIS A 156 -8.48 5.12 12.39
N HIS A 157 -9.68 4.67 12.04
CA HIS A 157 -10.88 5.29 12.61
C HIS A 157 -11.11 4.78 14.06
N THR A 158 -10.33 3.78 14.49
CA THR A 158 -10.29 3.40 15.92
C THR A 158 -9.50 4.42 16.76
N ALA A 159 -8.64 5.20 16.08
CA ALA A 159 -7.76 6.18 16.73
C ALA A 159 -8.29 7.61 16.68
N ALA A 160 -9.15 7.89 15.71
CA ALA A 160 -9.60 9.26 15.46
C ALA A 160 -11.02 9.32 14.91
N ASP A 161 -11.82 10.25 15.44
CA ASP A 161 -13.09 10.65 14.84
C ASP A 161 -12.91 12.00 14.12
N ALA A 162 -14.00 12.55 13.58
CA ALA A 162 -13.90 13.74 12.74
C ALA A 162 -13.36 14.92 13.52
N TRP A 163 -13.86 15.05 14.74
CA TRP A 163 -13.42 16.11 15.61
C TRP A 163 -11.90 15.98 15.77
N ALA A 164 -11.42 14.75 16.02
CA ALA A 164 -9.99 14.55 16.24
C ALA A 164 -9.15 14.93 15.00
N MET A 165 -9.71 14.75 13.80
CA MET A 165 -8.96 15.13 12.60
C MET A 165 -8.74 16.64 12.56
N HIS A 166 -9.72 17.42 13.04
CA HIS A 166 -9.56 18.87 13.11
C HIS A 166 -8.58 19.26 14.19
N VAL A 167 -8.59 18.54 15.29
CA VAL A 167 -7.56 18.78 16.27
C VAL A 167 -6.16 18.51 15.60
N ILE A 168 -6.04 17.40 14.87
CA ILE A 168 -4.74 17.02 14.28
C ILE A 168 -4.23 18.09 13.31
N ALA A 169 -5.09 18.51 12.40
CA ALA A 169 -4.76 19.60 11.49
C ALA A 169 -4.38 20.86 12.26
N ARG A 170 -5.18 21.26 13.25
CA ARG A 170 -4.91 22.53 13.95
C ARG A 170 -3.52 22.43 14.58
N ASP A 171 -3.26 21.32 15.24
CA ASP A 171 -1.99 21.10 15.93
C ASP A 171 -0.84 21.11 14.92
N LEU A 172 -1.06 20.45 13.80
CA LEU A 172 0.00 20.23 12.83
C LEU A 172 0.49 21.57 12.29
N LEU A 173 -0.46 22.37 11.83
CA LEU A 173 -0.11 23.63 11.23
C LEU A 173 0.44 24.61 12.26
N ASN A 174 -0.02 24.49 13.49
CA ASN A 174 0.56 25.28 14.57
C ASN A 174 2.05 24.88 14.79
N LEU A 175 2.31 23.59 14.86
CA LEU A 175 3.65 23.13 15.20
C LEU A 175 4.61 23.43 14.06
N TYR A 176 4.10 23.34 12.82
CA TYR A 176 4.82 23.70 11.62
C TYR A 176 5.22 25.18 11.69
N ALA A 177 4.26 26.03 12.05
CA ALA A 177 4.54 27.46 12.06
C ALA A 177 5.60 27.77 13.09
N ALA A 178 5.51 27.17 14.26
CA ALA A 178 6.47 27.42 15.32
C ALA A 178 7.87 26.97 14.88
N ARG A 179 7.99 25.79 14.26
CA ARG A 179 9.28 25.36 13.69
C ARG A 179 9.81 26.32 12.61
N ARG A 180 8.92 26.91 11.80
CA ARG A 180 9.30 27.93 10.85
C ARG A 180 9.67 29.25 11.54
N GLY A 181 9.41 29.38 12.84
CA GLY A 181 9.65 30.65 13.49
C GLY A 181 8.55 31.70 13.31
N ASN A 182 7.41 31.29 12.77
CA ASN A 182 6.27 32.19 12.62
C ASN A 182 5.47 32.21 13.91
N PRO A 183 5.14 33.40 14.40
CA PRO A 183 4.33 33.57 15.61
C PRO A 183 3.03 32.82 15.55
N VAL A 184 2.78 31.96 16.54
CA VAL A 184 1.48 31.31 16.72
C VAL A 184 1.20 31.22 18.20
N PRO A 185 -0.08 31.27 18.56
CA PRO A 185 -0.41 31.00 19.95
C PRO A 185 0.07 29.62 20.41
N PRO A 186 0.39 29.50 21.69
CA PRO A 186 0.81 28.19 22.19
C PRO A 186 -0.36 27.23 22.18
N LEU A 187 -0.07 25.94 22.01
CA LEU A 187 -1.09 24.91 22.08
C LEU A 187 -1.38 24.56 23.54
N PRO A 188 -2.64 24.28 23.86
CA PRO A 188 -2.95 23.70 25.18
C PRO A 188 -2.32 22.31 25.36
N GLU A 189 -1.97 21.94 26.59
CA GLU A 189 -1.54 20.57 26.90
C GLU A 189 -2.75 19.64 26.76
N PRO A 190 -2.72 18.68 25.84
CA PRO A 190 -3.94 17.89 25.64
C PRO A 190 -4.12 16.81 26.71
N ALA A 191 -5.35 16.39 27.01
CA ALA A 191 -5.51 15.12 27.71
C ALA A 191 -5.32 14.02 26.68
N GLN A 192 -4.79 12.88 27.13
CA GLN A 192 -4.63 11.71 26.29
C GLN A 192 -5.90 10.83 26.34
N HIS A 193 -6.14 10.13 25.24
CA HIS A 193 -7.33 9.32 25.13
C HIS A 193 -7.40 8.28 26.25
N ALA A 194 -6.26 7.79 26.73
CA ALA A 194 -6.30 6.82 27.82
C ALA A 194 -6.94 7.44 29.05
N GLU A 195 -6.77 8.74 29.21
CA GLU A 195 -7.34 9.37 30.40
C GLU A 195 -8.86 9.43 30.21
N PHE A 196 -9.31 9.68 28.98
CA PHE A 196 -10.72 9.60 28.71
C PHE A 196 -11.29 8.21 28.97
N ALA A 197 -10.56 7.21 28.55
CA ALA A 197 -10.99 5.83 28.73
C ALA A 197 -11.22 5.54 30.20
N ARG A 198 -10.31 6.00 31.04
N ARG A 198 -10.33 6.02 31.06
CA ARG A 198 -10.46 5.84 32.48
CA ARG A 198 -10.46 5.79 32.49
C ARG A 198 -11.72 6.52 32.94
C ARG A 198 -11.65 6.58 33.04
N TRP A 199 -11.86 7.78 32.52
CA TRP A 199 -12.90 8.66 33.04
C TRP A 199 -14.30 8.13 32.69
N GLU A 200 -14.52 7.69 31.45
CA GLU A 200 -15.85 7.27 31.00
C GLU A 200 -16.31 6.08 31.85
N ARG A 201 -15.38 5.20 32.20
CA ARG A 201 -15.66 4.04 33.05
C ARG A 201 -15.95 4.43 34.48
N GLU A 202 -15.24 5.45 34.95
CA GLU A 202 -15.51 6.01 36.26
C GLU A 202 -16.91 6.59 36.23
N ALA A 203 -17.21 7.36 35.19
CA ALA A 203 -18.47 8.08 35.07
C ALA A 203 -19.62 7.09 35.03
N ALA A 204 -19.39 5.93 34.42
CA ALA A 204 -20.44 4.97 34.19
C ALA A 204 -20.85 4.22 35.46
N GLU A 205 -20.17 4.44 36.58
CA GLU A 205 -20.56 3.82 37.85
C GLU A 205 -21.39 4.77 38.74
N ALA A 206 -21.67 5.97 38.24
CA ALA A 206 -22.42 6.97 39.01
C ALA A 206 -23.88 6.58 39.20
N PRO A 207 -24.48 7.03 40.32
CA PRO A 207 -25.92 6.79 40.52
C PRO A 207 -26.77 7.26 39.34
N ARG A 208 -26.53 8.45 38.79
CA ARG A 208 -27.23 8.94 37.58
C ARG A 208 -27.45 7.85 36.53
N VAL A 209 -26.50 6.93 36.39
CA VAL A 209 -26.53 5.97 35.29
C VAL A 209 -27.65 4.98 35.46
N ALA A 210 -27.97 4.66 36.71
CA ALA A 210 -29.06 3.72 36.98
C ALA A 210 -30.37 4.26 36.43
N VAL A 211 -30.69 5.51 36.76
CA VAL A 211 -31.90 6.15 36.28
C VAL A 211 -31.96 6.05 34.76
N SER A 212 -30.84 6.34 34.11
CA SER A 212 -30.78 6.32 32.65
C SER A 212 -30.97 4.92 32.06
N LYS A 213 -30.36 3.91 32.67
CA LYS A 213 -30.59 2.53 32.20
C LYS A 213 -32.07 2.12 32.32
N GLU A 214 -32.72 2.52 33.40
CA GLU A 214 -34.14 2.28 33.57
C GLU A 214 -34.96 3.05 32.54
N PHE A 215 -34.56 4.29 32.24
CA PHE A 215 -35.27 5.06 31.21
C PHE A 215 -35.20 4.33 29.86
N TRP A 216 -34.02 3.82 29.53
CA TRP A 216 -33.81 3.16 28.25
C TRP A 216 -34.51 1.81 28.17
N ARG A 217 -34.41 1.02 29.24
CA ARG A 217 -35.02 -0.30 29.29
C ARG A 217 -36.49 -0.19 28.87
N LYS A 218 -37.14 0.87 29.33
CA LYS A 218 -38.54 1.11 29.09
C LYS A 218 -38.79 1.80 27.76
N ARG A 219 -38.04 2.85 27.49
CA ARG A 219 -38.14 3.56 26.23
C ARG A 219 -37.97 2.63 25.03
N LEU A 220 -37.05 1.68 25.12
CA LEU A 220 -36.73 0.81 24.00
C LEU A 220 -37.34 -0.59 24.15
N GLN A 221 -38.33 -0.72 25.01
CA GLN A 221 -38.98 -2.01 25.19
C GLN A 221 -39.67 -2.41 23.88
N GLY A 222 -39.32 -3.56 23.32
CA GLY A 222 -39.97 -4.01 22.10
C GLY A 222 -39.36 -3.37 20.86
N ALA A 223 -38.35 -2.55 21.08
CA ALA A 223 -37.75 -1.81 19.98
C ALA A 223 -36.80 -2.72 19.19
N ARG A 224 -36.78 -2.52 17.86
CA ARG A 224 -35.82 -3.15 16.95
C ARG A 224 -35.28 -2.08 16.01
N ILE A 225 -33.97 -1.95 15.91
CA ILE A 225 -33.44 -1.03 14.92
C ILE A 225 -33.95 -1.46 13.58
N ILE A 226 -34.43 -0.51 12.79
CA ILE A 226 -35.02 -0.83 11.52
C ILE A 226 -33.98 -1.39 10.54
N GLY A 227 -34.33 -2.53 9.95
CA GLY A 227 -33.48 -3.16 8.94
C GLY A 227 -33.90 -2.82 7.53
N LEU A 228 -32.91 -2.58 6.68
CA LEU A 228 -33.18 -2.36 5.28
C LEU A 228 -32.90 -3.65 4.54
N GLU A 229 -33.81 -4.03 3.63
CA GLU A 229 -33.62 -5.24 2.85
C GLU A 229 -32.51 -5.10 1.83
N THR A 230 -31.55 -6.01 1.93
CA THR A 230 -30.38 -6.01 1.08
C THR A 230 -30.72 -6.62 -0.29
N ASP A 231 -29.92 -6.32 -1.29
CA ASP A 231 -30.09 -6.87 -2.64
C ASP A 231 -29.40 -8.20 -2.77
N ILE A 232 -28.30 -8.33 -2.04
CA ILE A 232 -27.50 -9.53 -2.03
C ILE A 232 -27.48 -10.02 -0.60
N PRO A 233 -27.86 -11.28 -0.38
CA PRO A 233 -27.91 -11.77 0.99
C PRO A 233 -26.54 -11.95 1.60
N ARG A 234 -26.51 -11.85 2.92
CA ARG A 234 -25.32 -12.08 3.71
C ARG A 234 -24.64 -13.39 3.33
N SER A 235 -25.43 -14.46 3.24
CA SER A 235 -24.90 -15.81 2.98
C SER A 235 -24.32 -16.00 1.57
N ALA A 236 -24.45 -15.00 0.70
CA ALA A 236 -23.79 -15.05 -0.61
C ALA A 236 -22.27 -15.06 -0.45
N GLY A 237 -21.82 -14.50 0.67
CA GLY A 237 -20.41 -14.44 1.00
C GLY A 237 -19.56 -13.60 0.08
N LEU A 238 -20.14 -12.61 -0.58
CA LEU A 238 -19.33 -11.77 -1.43
C LEU A 238 -18.26 -11.06 -0.60
N PRO A 239 -17.18 -10.65 -1.26
CA PRO A 239 -16.11 -9.95 -0.54
C PRO A 239 -16.54 -8.57 -0.03
N LYS A 240 -16.01 -8.26 1.15
CA LYS A 240 -16.37 -7.04 1.84
C LYS A 240 -15.84 -5.82 1.07
N GLY A 241 -16.72 -4.88 0.80
CA GLY A 241 -16.34 -3.60 0.27
C GLY A 241 -17.37 -2.57 0.69
N THR A 242 -16.93 -1.31 0.70
CA THR A 242 -17.80 -0.19 1.07
C THR A 242 -17.66 0.89 -0.01
N ALA A 243 -18.80 1.24 -0.60
CA ALA A 243 -18.91 2.32 -1.59
C ALA A 243 -19.55 3.54 -0.93
N TRP A 244 -19.26 4.71 -1.49
CA TRP A 244 -19.69 5.99 -0.92
C TRP A 244 -20.22 6.82 -2.04
N GLN A 245 -21.52 7.10 -2.00
CA GLN A 245 -22.11 7.98 -2.98
C GLN A 245 -22.21 9.36 -2.33
N ARG A 246 -21.59 10.33 -2.97
CA ARG A 246 -21.38 11.61 -2.33
C ARG A 246 -22.31 12.59 -2.97
N PHE A 247 -22.76 13.57 -2.21
CA PHE A 247 -23.68 14.58 -2.72
C PHE A 247 -23.58 15.86 -1.93
N ALA A 248 -23.99 16.95 -2.55
CA ALA A 248 -24.16 18.22 -1.86
C ALA A 248 -25.62 18.60 -1.96
N VAL A 249 -26.17 19.03 -0.84
CA VAL A 249 -27.51 19.52 -0.83
C VAL A 249 -27.47 20.86 -1.56
N ARG A 250 -28.18 20.95 -2.68
CA ARG A 250 -28.37 22.23 -3.39
C ARG A 250 -28.59 23.42 -2.43
N GLY A 251 -28.08 24.60 -2.79
CA GLY A 251 -28.20 25.77 -1.95
C GLY A 251 -29.62 26.23 -1.60
N GLU A 252 -30.50 26.33 -2.60
CA GLU A 252 -31.90 26.64 -2.38
C GLU A 252 -32.49 25.64 -1.36
N LEU A 253 -32.19 24.36 -1.53
CA LEU A 253 -32.75 23.37 -0.62
C LEU A 253 -32.16 23.55 0.79
N ALA A 254 -30.85 23.72 0.86
CA ALA A 254 -30.20 23.81 2.16
C ALA A 254 -30.70 25.03 2.91
N ASP A 255 -30.83 26.15 2.20
CA ASP A 255 -31.42 27.38 2.75
C ASP A 255 -32.80 27.12 3.33
N ALA A 256 -33.64 26.39 2.58
CA ALA A 256 -34.99 26.01 3.03
C ALA A 256 -34.96 25.20 4.32
N VAL A 257 -34.08 24.20 4.38
CA VAL A 257 -33.91 23.39 5.59
C VAL A 257 -33.48 24.26 6.77
N VAL A 258 -32.48 25.10 6.55
CA VAL A 258 -31.93 25.91 7.64
C VAL A 258 -33.00 26.88 8.12
N GLU A 259 -33.75 27.44 7.18
CA GLU A 259 -34.76 28.41 7.53
C GLU A 259 -35.93 27.75 8.28
N PHE A 260 -36.44 26.65 7.73
CA PHE A 260 -37.47 25.84 8.40
C PHE A 260 -37.10 25.49 9.83
N SER A 261 -35.88 25.02 10.01
CA SER A 261 -35.40 24.62 11.31
C SER A 261 -35.34 25.78 12.31
N ARG A 262 -34.84 26.91 11.86
CA ARG A 262 -34.77 28.08 12.73
C ARG A 262 -36.19 28.41 13.21
N ALA A 263 -37.16 28.36 12.31
CA ALA A 263 -38.50 28.84 12.62
C ALA A 263 -39.26 27.82 13.47
N ALA A 264 -38.99 26.54 13.22
CA ALA A 264 -39.52 25.45 14.02
C ALA A 264 -38.81 25.30 15.37
N LYS A 265 -37.68 25.96 15.53
CA LYS A 265 -36.90 25.84 16.75
C LYS A 265 -36.34 24.39 16.93
N CYS A 266 -35.91 23.80 15.84
N CYS A 266 -35.95 23.80 15.81
CA CYS A 266 -35.18 22.55 15.90
CA CYS A 266 -35.28 22.51 15.77
C CYS A 266 -33.81 22.77 15.30
C CYS A 266 -33.96 22.66 15.01
N SER A 267 -33.05 21.71 15.19
CA SER A 267 -31.78 21.74 14.50
C SER A 267 -31.95 21.27 13.07
N PRO A 268 -31.06 21.70 12.18
CA PRO A 268 -31.09 21.12 10.85
C PRO A 268 -30.95 19.58 10.85
N PHE A 269 -30.14 19.02 11.76
CA PHE A 269 -30.04 17.55 11.90
C PHE A 269 -31.40 16.91 12.16
N MET A 270 -32.18 17.46 13.11
CA MET A 270 -33.52 16.91 13.42
C MET A 270 -34.40 16.91 12.18
N THR A 271 -34.34 18.01 11.42
CA THR A 271 -35.14 18.11 10.21
C THR A 271 -34.73 17.07 9.18
N MET A 272 -33.43 16.85 9.00
CA MET A 272 -32.94 15.86 8.02
C MET A 272 -33.25 14.43 8.47
N PHE A 273 -33.05 14.18 9.76
CA PHE A 273 -33.40 12.88 10.30
C PHE A 273 -34.91 12.58 10.15
N ALA A 274 -35.75 13.60 10.41
CA ALA A 274 -37.20 13.44 10.30
C ALA A 274 -37.58 13.06 8.89
N ALA A 275 -36.95 13.72 7.91
CA ALA A 275 -37.20 13.35 6.52
C ALA A 275 -36.78 11.88 6.28
N TYR A 276 -35.68 11.44 6.90
CA TYR A 276 -35.22 10.05 6.71
C TYR A 276 -36.28 9.10 7.29
N GLN A 277 -36.83 9.46 8.44
CA GLN A 277 -37.89 8.63 9.04
C GLN A 277 -39.10 8.57 8.12
N VAL A 278 -39.45 9.69 7.50
CA VAL A 278 -40.56 9.68 6.56
C VAL A 278 -40.21 8.74 5.40
N LEU A 279 -39.03 8.90 4.83
CA LEU A 279 -38.57 8.00 3.77
C LEU A 279 -38.67 6.51 4.19
N LEU A 280 -38.19 6.17 5.39
CA LEU A 280 -38.26 4.77 5.80
C LEU A 280 -39.71 4.33 5.94
N HIS A 281 -40.58 5.23 6.41
CA HIS A 281 -41.98 4.85 6.47
C HIS A 281 -42.51 4.47 5.10
N ARG A 282 -42.22 5.26 4.07
CA ARG A 282 -42.79 4.98 2.74
C ARG A 282 -42.24 3.66 2.21
N ARG A 283 -41.02 3.33 2.59
CA ARG A 283 -40.40 2.13 2.05
C ARG A 283 -40.71 0.88 2.90
N THR A 284 -40.71 0.99 4.22
CA THR A 284 -40.95 -0.16 5.10
C THR A 284 -42.39 -0.33 5.62
N GLY A 285 -43.19 0.74 5.54
CA GLY A 285 -44.51 0.76 6.15
C GLY A 285 -44.49 0.95 7.66
N GLU A 286 -43.33 0.84 8.29
CA GLU A 286 -43.19 0.95 9.74
C GLU A 286 -43.58 2.35 10.28
N LEU A 287 -44.23 2.38 11.44
CA LEU A 287 -44.57 3.63 12.13
C LEU A 287 -43.77 3.81 13.42
N ASP A 288 -43.36 2.68 14.02
CA ASP A 288 -42.48 2.71 15.17
C ASP A 288 -41.04 2.55 14.66
N ILE A 289 -40.32 3.66 14.54
CA ILE A 289 -39.07 3.74 13.80
C ILE A 289 -37.91 3.93 14.77
N THR A 290 -37.04 2.92 14.92
CA THR A 290 -35.80 3.12 15.68
C THR A 290 -34.64 3.13 14.71
N VAL A 291 -33.86 4.23 14.78
CA VAL A 291 -32.71 4.47 13.92
C VAL A 291 -31.58 5.06 14.75
N PRO A 292 -30.41 4.42 14.75
CA PRO A 292 -29.31 4.96 15.52
C PRO A 292 -28.64 6.12 14.79
N THR A 293 -28.08 7.02 15.58
CA THR A 293 -27.18 8.02 15.07
C THR A 293 -25.86 7.79 15.80
N PHE A 294 -24.85 8.57 15.43
CA PHE A 294 -23.66 8.72 16.26
C PHE A 294 -23.66 10.09 16.89
N SER A 295 -23.67 10.17 18.21
CA SER A 295 -23.44 11.43 18.87
C SER A 295 -21.94 11.70 18.85
N GLY A 296 -21.54 12.93 19.17
CA GLY A 296 -20.15 13.34 19.09
C GLY A 296 -19.37 12.79 20.27
N GLY A 297 -20.07 12.59 21.38
CA GLY A 297 -19.52 11.87 22.52
C GLY A 297 -18.49 12.71 23.27
N ARG A 298 -18.49 14.00 22.98
CA ARG A 298 -17.53 14.94 23.59
C ARG A 298 -18.19 16.03 24.44
N ASN A 299 -19.18 15.64 25.22
CA ASN A 299 -19.82 16.57 26.15
C ASN A 299 -18.85 17.08 27.22
N ASN A 300 -17.82 16.29 27.55
CA ASN A 300 -16.81 16.72 28.55
C ASN A 300 -15.66 17.50 27.87
N SER A 301 -15.66 18.81 28.06
CA SER A 301 -14.74 19.69 27.36
C SER A 301 -13.28 19.54 27.80
N ARG A 302 -13.02 18.84 28.89
CA ARG A 302 -11.64 18.51 29.24
C ARG A 302 -10.96 17.81 28.02
N PHE A 303 -11.75 17.18 27.17
CA PHE A 303 -11.17 16.37 26.10
C PHE A 303 -11.32 16.95 24.71
N GLU A 304 -11.61 18.25 24.62
CA GLU A 304 -11.78 18.88 23.30
C GLU A 304 -10.49 18.95 22.49
N ASP A 305 -9.34 18.96 23.17
CA ASP A 305 -8.03 18.91 22.48
C ASP A 305 -7.47 17.49 22.28
N THR A 306 -8.33 16.48 22.48
CA THR A 306 -7.90 15.10 22.59
C THR A 306 -8.19 14.35 21.33
N VAL A 307 -7.17 13.65 20.86
CA VAL A 307 -7.30 12.79 19.72
C VAL A 307 -7.72 11.41 20.21
N GLY A 308 -8.75 10.89 19.56
CA GLY A 308 -9.33 9.62 19.92
C GLY A 308 -10.63 9.52 19.14
N SER A 309 -11.29 8.38 19.18
CA SER A 309 -12.61 8.29 18.59
C SER A 309 -13.63 8.23 19.70
N PHE A 310 -14.39 9.30 19.84
CA PHE A 310 -15.34 9.49 20.96
C PHE A 310 -16.77 9.19 20.60
N ILE A 311 -17.07 9.10 19.31
CA ILE A 311 -18.47 9.02 18.87
C ILE A 311 -19.24 7.86 19.53
N ASN A 312 -20.55 8.01 19.63
CA ASN A 312 -21.34 7.03 20.39
C ASN A 312 -22.62 6.71 19.65
N PHE A 313 -22.81 5.41 19.47
CA PHE A 313 -23.97 4.82 18.83
C PHE A 313 -25.15 5.11 19.71
N LEU A 314 -26.18 5.74 19.17
CA LEU A 314 -27.28 6.26 19.99
C LEU A 314 -28.62 5.98 19.33
N PRO A 315 -29.41 5.05 19.90
CA PRO A 315 -30.69 4.72 19.28
C PRO A 315 -31.76 5.81 19.47
N LEU A 316 -32.42 6.18 18.39
CA LEU A 316 -33.44 7.21 18.41
C LEU A 316 -34.75 6.56 17.97
N ARG A 317 -35.64 6.35 18.93
CA ARG A 317 -36.94 5.72 18.66
C ARG A 317 -38.01 6.75 18.62
N THR A 318 -38.73 6.82 17.50
CA THR A 318 -39.83 7.77 17.32
C THR A 318 -41.07 7.05 16.85
N ASP A 319 -42.20 7.41 17.46
CA ASP A 319 -43.47 6.89 17.02
C ASP A 319 -44.12 7.88 16.07
N LEU A 320 -44.26 7.47 14.82
CA LEU A 320 -44.80 8.33 13.77
C LEU A 320 -46.31 8.17 13.62
N SER A 321 -46.91 7.30 14.43
CA SER A 321 -48.33 7.00 14.21
C SER A 321 -49.18 8.22 14.55
N GLY A 322 -50.03 8.60 13.61
CA GLY A 322 -50.94 9.69 13.80
C GLY A 322 -50.41 11.06 13.40
N CYS A 323 -49.14 11.15 13.02
CA CYS A 323 -48.59 12.43 12.54
C CYS A 323 -49.42 13.00 11.38
N ALA A 324 -49.84 14.25 11.51
CA ALA A 324 -50.65 14.85 10.48
C ALA A 324 -49.83 15.68 9.49
N SER A 325 -48.53 15.85 9.76
CA SER A 325 -47.68 16.65 8.89
C SER A 325 -46.19 16.44 9.13
N PHE A 326 -45.38 16.85 8.16
CA PHE A 326 -43.94 16.84 8.37
C PHE A 326 -43.56 17.61 9.63
N ARG A 327 -44.22 18.75 9.89
CA ARG A 327 -43.87 19.50 11.09
C ARG A 327 -44.03 18.66 12.36
N GLU A 328 -45.08 17.84 12.44
CA GLU A 328 -45.28 16.99 13.62
C GLU A 328 -44.16 15.98 13.76
N VAL A 329 -43.75 15.39 12.63
CA VAL A 329 -42.62 14.46 12.63
C VAL A 329 -41.38 15.12 13.24
N VAL A 330 -41.03 16.30 12.75
CA VAL A 330 -39.84 17.00 13.24
C VAL A 330 -39.96 17.24 14.75
N LEU A 331 -41.17 17.54 15.22
CA LEU A 331 -41.34 17.87 16.63
C LEU A 331 -41.27 16.64 17.54
N ARG A 332 -41.78 15.52 17.08
CA ARG A 332 -41.56 14.26 17.80
C ARG A 332 -40.09 13.88 17.79
N THR A 333 -39.43 14.13 16.67
CA THR A 333 -37.99 13.86 16.57
C THR A 333 -37.25 14.70 17.57
N ARG A 334 -37.61 15.97 17.65
CA ARG A 334 -36.96 16.85 18.61
C ARG A 334 -37.13 16.32 20.02
N THR A 335 -38.32 15.86 20.34
CA THR A 335 -38.55 15.30 21.66
C THR A 335 -37.67 14.08 21.90
N THR A 336 -37.59 13.21 20.90
CA THR A 336 -36.78 12.00 21.02
C THR A 336 -35.31 12.32 21.22
N CYS A 337 -34.80 13.24 20.42
CA CYS A 337 -33.38 13.59 20.53
C CYS A 337 -33.11 14.25 21.87
N GLY A 338 -34.01 15.10 22.34
CA GLY A 338 -33.76 15.74 23.60
C GLY A 338 -33.62 14.73 24.75
N GLU A 339 -34.52 13.75 24.81
CA GLU A 339 -34.45 12.82 25.92
C GLU A 339 -33.25 11.88 25.72
N ALA A 340 -32.92 11.60 24.45
CA ALA A 340 -31.87 10.66 24.14
C ALA A 340 -30.54 11.28 24.60
N PHE A 341 -30.34 12.56 24.31
CA PHE A 341 -29.08 13.15 24.65
C PHE A 341 -29.02 13.35 26.16
N THR A 342 -30.19 13.58 26.75
CA THR A 342 -30.27 13.84 28.19
C THR A 342 -29.93 12.61 28.97
N HIS A 343 -30.30 11.44 28.42
CA HIS A 343 -30.01 10.16 29.07
C HIS A 343 -28.90 9.35 28.42
N GLU A 344 -28.14 9.97 27.52
CA GLU A 344 -27.17 9.22 26.73
C GLU A 344 -26.29 8.31 27.59
N LEU A 345 -26.22 7.04 27.20
CA LEU A 345 -25.21 6.11 27.73
C LEU A 345 -24.25 5.68 26.65
N PRO A 346 -23.02 5.33 27.03
CA PRO A 346 -22.17 4.57 26.11
C PRO A 346 -22.98 3.38 25.66
N PHE A 347 -22.99 3.10 24.37
CA PHE A 347 -23.87 2.07 23.87
C PHE A 347 -23.56 0.65 24.40
N SER A 348 -22.32 0.42 24.77
CA SER A 348 -21.93 -0.92 25.17
C SER A 348 -22.34 -1.15 26.63
N ARG A 349 -22.89 -0.10 27.26
CA ARG A 349 -23.52 -0.17 28.58
C ARG A 349 -25.03 0.06 28.50
N LEU A 350 -25.55 0.30 27.31
CA LEU A 350 -27.00 0.41 27.12
C LEU A 350 -27.53 -0.91 26.57
N ILE A 351 -26.75 -1.51 25.67
CA ILE A 351 -27.25 -2.63 24.88
C ILE A 351 -27.56 -3.84 25.75
N PRO A 352 -26.87 -4.01 26.91
CA PRO A 352 -27.29 -5.16 27.72
C PRO A 352 -28.74 -5.08 28.19
N GLU A 353 -29.22 -3.88 28.52
CA GLU A 353 -30.59 -3.66 28.96
C GLU A 353 -31.65 -4.04 27.91
N VAL A 354 -31.29 -3.99 26.64
CA VAL A 354 -32.22 -4.20 25.54
C VAL A 354 -31.58 -5.07 24.44
N PRO A 355 -31.27 -6.32 24.79
CA PRO A 355 -30.40 -7.11 23.91
C PRO A 355 -31.00 -7.45 22.55
N GLU A 356 -32.31 -7.44 22.37
CA GLU A 356 -32.87 -7.76 21.04
C GLU A 356 -32.98 -6.53 20.13
N LEU A 357 -32.49 -5.39 20.61
CA LEU A 357 -32.51 -4.19 19.81
C LEU A 357 -31.81 -4.38 18.42
N MET A 358 -30.84 -5.29 18.32
CA MET A 358 -30.06 -5.39 17.08
C MET A 358 -30.41 -6.58 16.16
N ALA A 359 -31.51 -7.28 16.44
CA ALA A 359 -31.88 -8.49 15.70
C ALA A 359 -31.60 -8.44 14.18
N SER A 360 -32.07 -7.39 13.51
CA SER A 360 -31.95 -7.31 12.05
C SER A 360 -30.54 -6.96 11.54
N ALA A 361 -29.57 -6.84 12.44
CA ALA A 361 -28.25 -6.41 12.00
C ALA A 361 -27.59 -7.56 11.23
N ALA A 362 -27.71 -8.76 11.76
CA ALA A 362 -26.97 -9.91 11.23
C ALA A 362 -27.89 -10.79 10.42
N SER A 363 -29.07 -10.29 10.11
CA SER A 363 -30.00 -11.12 9.38
C SER A 363 -29.51 -11.28 7.96
N ASP A 364 -29.89 -12.40 7.36
CA ASP A 364 -29.36 -12.76 6.07
C ASP A 364 -29.78 -11.77 4.98
N ASN A 365 -30.88 -11.05 5.17
CA ASN A 365 -31.40 -10.23 4.10
C ASN A 365 -31.73 -8.80 4.50
N HIS A 366 -31.18 -8.37 5.62
CA HIS A 366 -31.36 -7.00 6.07
C HIS A 366 -30.06 -6.51 6.70
N GLN A 367 -29.88 -5.20 6.68
CA GLN A 367 -28.81 -4.54 7.43
C GLN A 367 -29.37 -3.29 8.09
N ILE A 368 -28.74 -2.84 9.16
CA ILE A 368 -29.20 -1.64 9.80
C ILE A 368 -28.60 -0.41 9.13
N SER A 369 -29.25 0.74 9.31
CA SER A 369 -28.67 1.98 8.79
C SER A 369 -28.53 2.93 9.93
N VAL A 370 -27.60 3.85 9.74
CA VAL A 370 -27.27 4.85 10.72
C VAL A 370 -27.43 6.18 10.00
N PHE A 371 -27.97 7.17 10.67
CA PHE A 371 -28.10 8.49 10.09
C PHE A 371 -27.43 9.49 11.03
N GLN A 372 -26.36 10.14 10.56
CA GLN A 372 -25.57 11.02 11.42
C GLN A 372 -25.27 12.39 10.84
N ALA A 373 -25.02 13.31 11.74
CA ALA A 373 -24.40 14.56 11.40
C ALA A 373 -22.98 14.52 11.95
N VAL A 374 -22.02 14.88 11.12
CA VAL A 374 -20.63 14.98 11.51
C VAL A 374 -20.41 16.03 12.58
N HIS A 375 -19.79 15.63 13.67
CA HIS A 375 -19.44 16.53 14.78
C HIS A 375 -17.99 17.01 14.66
N ALA A 376 -17.84 18.29 14.34
CA ALA A 376 -16.56 18.90 14.03
C ALA A 376 -16.57 20.34 14.53
N PRO A 377 -15.40 20.86 14.91
CA PRO A 377 -15.34 22.28 15.30
C PRO A 377 -15.91 23.18 14.20
N ALA A 378 -16.70 24.16 14.63
CA ALA A 378 -17.31 25.12 13.73
C ALA A 378 -16.26 26.14 13.31
N SER A 379 -16.19 26.36 12.01
CA SER A 379 -15.30 27.38 11.48
C SER A 379 -16.04 28.24 10.48
N GLU A 380 -15.97 29.55 10.67
CA GLU A 380 -16.35 30.45 9.59
C GLU A 380 -15.11 30.76 8.74
N GLY A 381 -14.98 30.02 7.65
CA GLY A 381 -14.02 30.37 6.61
C GLY A 381 -12.58 30.01 6.92
N PRO A 382 -11.67 30.41 6.02
CA PRO A 382 -10.24 30.10 6.10
C PRO A 382 -9.63 30.41 7.46
N GLU A 383 -8.74 29.55 7.92
CA GLU A 383 -8.07 29.77 9.19
C GLU A 383 -6.61 30.07 8.88
N GLN A 384 -5.93 30.72 9.82
CA GLN A 384 -4.54 31.08 9.66
C GLN A 384 -3.71 30.43 10.75
N ALA A 385 -2.56 29.90 10.35
CA ALA A 385 -1.51 29.52 11.28
C ALA A 385 -0.22 29.96 10.69
N GLY A 386 0.46 30.87 11.37
CA GLY A 386 1.68 31.43 10.84
C GLY A 386 1.45 32.01 9.45
N ASP A 387 2.28 31.56 8.51
CA ASP A 387 2.24 32.11 7.15
C ASP A 387 1.34 31.29 6.22
N LEU A 388 0.57 30.36 6.79
CA LEU A 388 -0.37 29.57 5.99
C LEU A 388 -1.79 29.85 6.34
N THR A 389 -2.61 29.75 5.30
CA THR A 389 -4.02 29.79 5.43
C THR A 389 -4.53 28.42 5.05
N TYR A 390 -5.48 27.91 5.81
CA TYR A 390 -6.06 26.61 5.52
C TYR A 390 -7.56 26.54 5.74
N SER A 391 -8.24 25.80 4.88
CA SER A 391 -9.64 25.54 5.10
C SER A 391 -10.03 24.10 4.73
N LYS A 392 -10.97 23.57 5.49
CA LYS A 392 -11.37 22.20 5.35
C LYS A 392 -12.16 22.00 4.07
N ILE A 393 -11.95 20.87 3.42
CA ILE A 393 -12.73 20.50 2.26
C ILE A 393 -13.86 19.57 2.73
N TRP A 394 -15.12 20.03 2.64
CA TRP A 394 -16.26 19.20 3.03
C TRP A 394 -16.99 18.62 1.84
N GLU A 395 -17.20 19.45 0.84
CA GLU A 395 -17.97 19.08 -0.33
C GLU A 395 -17.10 18.24 -1.25
N ARG A 396 -17.36 16.94 -1.31
CA ARG A 396 -16.73 16.08 -2.29
C ARG A 396 -17.83 15.59 -3.15
N GLN A 397 -17.73 15.78 -4.45
CA GLN A 397 -18.82 15.31 -5.25
C GLN A 397 -18.46 14.05 -6.01
N LEU A 398 -17.20 13.65 -5.91
CA LEU A 398 -16.75 12.45 -6.58
C LEU A 398 -17.05 11.28 -5.67
N SER A 399 -17.88 10.38 -6.15
CA SER A 399 -18.19 9.21 -5.39
C SER A 399 -17.09 8.14 -5.52
N GLN A 400 -17.26 7.06 -4.79
CA GLN A 400 -16.17 6.14 -4.58
C GLN A 400 -16.66 4.71 -4.44
N ALA A 401 -16.05 3.83 -5.21
CA ALA A 401 -16.46 2.44 -5.34
C ALA A 401 -15.96 1.58 -4.19
N GLU A 402 -14.79 1.90 -3.68
CA GLU A 402 -14.24 1.09 -2.62
C GLU A 402 -13.40 1.92 -1.69
N GLY A 403 -14.05 2.44 -0.65
CA GLY A 403 -13.44 3.41 0.23
C GLY A 403 -13.38 2.92 1.66
N SER A 404 -13.51 3.84 2.59
CA SER A 404 -13.44 3.49 4.02
C SER A 404 -14.51 2.50 4.36
N ASP A 405 -14.12 1.54 5.20
CA ASP A 405 -14.99 0.47 5.59
C ASP A 405 -16.17 0.93 6.45
N ILE A 406 -17.37 0.45 6.14
CA ILE A 406 -18.48 0.46 7.11
C ILE A 406 -18.62 -0.95 7.66
N PRO A 407 -18.38 -1.13 8.97
CA PRO A 407 -18.32 -2.49 9.51
C PRO A 407 -19.46 -3.41 9.05
N ASP A 408 -20.70 -2.97 9.08
CA ASP A 408 -21.79 -3.88 8.75
C ASP A 408 -23.11 -3.10 8.75
N GLY A 409 -23.35 -2.37 7.67
CA GLY A 409 -24.53 -1.55 7.57
C GLY A 409 -24.49 -0.49 6.50
N VAL A 410 -25.37 0.50 6.68
CA VAL A 410 -25.54 1.60 5.78
C VAL A 410 -25.37 2.87 6.57
N LEU A 411 -24.54 3.77 6.08
CA LEU A 411 -24.34 5.04 6.76
C LEU A 411 -24.74 6.24 5.90
N TRP A 412 -25.67 7.04 6.43
CA TRP A 412 -25.92 8.39 5.95
C TRP A 412 -25.12 9.32 6.82
N SER A 413 -24.38 10.22 6.21
CA SER A 413 -23.58 11.13 6.98
C SER A 413 -23.66 12.49 6.30
N ILE A 414 -24.04 13.49 7.08
CA ILE A 414 -24.15 14.87 6.61
C ILE A 414 -23.24 15.76 7.44
N HIS A 415 -22.54 16.68 6.79
CA HIS A 415 -21.88 17.75 7.52
C HIS A 415 -22.66 19.01 7.19
N ILE A 416 -23.10 19.69 8.24
CA ILE A 416 -23.86 20.92 8.07
C ILE A 416 -22.98 22.09 8.46
N ASP A 417 -22.62 22.90 7.47
CA ASP A 417 -21.80 24.10 7.68
C ASP A 417 -22.61 25.21 8.34
N PRO A 418 -21.93 26.14 9.04
CA PRO A 418 -22.66 27.31 9.60
C PRO A 418 -23.28 28.15 8.50
N SER A 419 -22.49 28.35 7.45
CA SER A 419 -22.96 28.97 6.22
C SER A 419 -24.29 28.38 5.74
N GLY A 420 -24.63 27.17 6.16
CA GLY A 420 -25.87 26.54 5.76
C GLY A 420 -25.73 25.47 4.69
N SER A 421 -24.54 25.34 4.09
CA SER A 421 -24.31 24.33 3.05
C SER A 421 -24.05 22.94 3.63
N MET A 422 -24.54 21.92 2.92
CA MET A 422 -24.46 20.55 3.41
C MET A 422 -23.77 19.62 2.44
N ALA A 423 -22.82 18.85 2.98
CA ALA A 423 -22.12 17.85 2.22
C ALA A 423 -22.46 16.48 2.78
N GLY A 424 -22.91 15.57 1.93
CA GLY A 424 -23.34 14.28 2.43
C GLY A 424 -22.78 13.08 1.71
N SER A 425 -22.86 11.94 2.40
CA SER A 425 -22.50 10.64 1.84
C SER A 425 -23.50 9.60 2.24
N LEU A 426 -23.81 8.73 1.28
CA LEU A 426 -24.47 7.47 1.57
C LEU A 426 -23.46 6.34 1.30
N GLY A 427 -23.04 5.67 2.37
CA GLY A 427 -22.11 4.58 2.28
C GLY A 427 -22.81 3.27 2.55
N TYR A 428 -22.39 2.25 1.84
CA TYR A 428 -22.97 0.93 1.94
C TYR A 428 -21.96 -0.13 1.50
N ASN A 429 -22.27 -1.36 1.90
CA ASN A 429 -21.47 -2.53 1.61
C ASN A 429 -21.86 -3.08 0.25
N THR A 430 -20.86 -3.16 -0.61
CA THR A 430 -21.05 -3.55 -1.99
C THR A 430 -21.29 -5.06 -2.10
N ASN A 431 -20.97 -5.82 -1.05
CA ASN A 431 -21.35 -7.23 -0.96
C ASN A 431 -22.81 -7.45 -0.55
N ARG A 432 -23.54 -6.36 -0.30
CA ARG A 432 -24.94 -6.45 0.13
C ARG A 432 -25.91 -5.59 -0.70
N PHE A 433 -25.45 -4.44 -1.21
CA PHE A 433 -26.32 -3.55 -1.98
C PHE A 433 -25.72 -3.26 -3.37
N LYS A 434 -26.57 -3.24 -4.40
CA LYS A 434 -26.19 -2.73 -5.71
C LYS A 434 -26.10 -1.19 -5.69
N ASP A 435 -25.20 -0.65 -6.51
CA ASP A 435 -25.00 0.79 -6.61
C ASP A 435 -26.29 1.50 -7.03
N GLU A 436 -27.04 0.91 -7.95
CA GLU A 436 -28.21 1.60 -8.50
C GLU A 436 -29.31 1.67 -7.44
N THR A 437 -29.34 0.69 -6.54
CA THR A 437 -30.37 0.66 -5.50
C THR A 437 -30.19 1.87 -4.60
N MET A 438 -28.93 2.15 -4.27
CA MET A 438 -28.62 3.20 -3.30
C MET A 438 -28.75 4.57 -3.94
N ALA A 439 -28.41 4.66 -5.22
CA ALA A 439 -28.58 5.90 -5.94
C ALA A 439 -30.06 6.34 -5.93
N ALA A 440 -30.95 5.37 -6.10
CA ALA A 440 -32.40 5.57 -6.06
C ALA A 440 -32.84 5.94 -4.67
N PHE A 441 -32.26 5.25 -3.69
CA PHE A 441 -32.53 5.51 -2.28
C PHE A 441 -32.21 6.97 -1.90
N LEU A 442 -31.01 7.40 -2.30
CA LEU A 442 -30.54 8.76 -2.10
C LEU A 442 -31.43 9.75 -2.84
N ALA A 443 -31.75 9.47 -4.09
CA ALA A 443 -32.58 10.41 -4.84
C ALA A 443 -33.96 10.53 -4.13
N ASP A 444 -34.48 9.41 -3.63
CA ASP A 444 -35.79 9.41 -2.91
C ASP A 444 -35.66 10.27 -1.68
N TYR A 445 -34.51 10.16 -1.02
CA TYR A 445 -34.35 10.88 0.20
C TYR A 445 -34.39 12.36 -0.11
N LEU A 446 -33.68 12.77 -1.14
CA LEU A 446 -33.59 14.20 -1.42
C LEU A 446 -34.96 14.75 -1.87
N ASP A 447 -35.73 13.93 -2.57
CA ASP A 447 -37.08 14.32 -2.98
C ASP A 447 -38.02 14.44 -1.75
N VAL A 448 -37.88 13.55 -0.78
CA VAL A 448 -38.73 13.62 0.40
C VAL A 448 -38.40 14.86 1.20
N LEU A 449 -37.11 15.09 1.37
CA LEU A 449 -36.64 16.26 2.09
C LEU A 449 -37.16 17.55 1.45
N GLU A 450 -37.09 17.63 0.13
CA GLU A 450 -37.52 18.83 -0.55
C GLU A 450 -39.03 19.11 -0.39
N ASN A 451 -39.86 18.09 -0.59
CA ASN A 451 -41.31 18.27 -0.46
C ASN A 451 -41.66 18.59 0.98
N ALA A 452 -40.99 17.92 1.90
CA ALA A 452 -41.21 18.15 3.31
C ALA A 452 -41.05 19.61 3.68
N VAL A 453 -39.91 20.24 3.36
CA VAL A 453 -39.66 21.61 3.85
C VAL A 453 -40.42 22.63 3.00
N ALA A 454 -40.68 22.30 1.73
CA ALA A 454 -41.57 23.12 0.92
C ALA A 454 -42.97 23.25 1.54
N ARG A 455 -43.47 22.16 2.11
CA ARG A 455 -44.83 22.05 2.58
C ARG A 455 -44.89 21.35 3.93
N PRO A 456 -44.26 21.93 4.95
CA PRO A 456 -44.11 21.24 6.24
C PRO A 456 -45.43 20.99 6.98
N ASP A 457 -46.47 21.73 6.62
CA ASP A 457 -47.75 21.64 7.30
C ASP A 457 -48.81 20.92 6.48
N ALA A 458 -48.47 20.53 5.27
CA ALA A 458 -49.38 19.78 4.41
C ALA A 458 -49.72 18.42 5.01
N PRO A 459 -50.96 17.98 4.82
CA PRO A 459 -51.39 16.68 5.35
C PRO A 459 -50.78 15.57 4.54
N PHE A 460 -50.66 14.38 5.11
CA PHE A 460 -50.13 13.20 4.38
C PHE A 460 -51.26 12.48 3.66
N PRO B 18 3.50 -1.71 -28.41
CA PRO B 18 4.48 -2.78 -28.63
C PRO B 18 3.90 -4.19 -28.47
N PRO B 19 4.54 -5.20 -29.09
CA PRO B 19 4.19 -6.56 -28.69
C PRO B 19 4.89 -6.87 -27.38
N LEU B 20 4.58 -7.97 -26.70
CA LEU B 20 5.41 -8.36 -25.55
C LEU B 20 6.84 -8.65 -26.03
N SER B 21 7.82 -8.36 -25.19
CA SER B 21 9.20 -8.74 -25.51
C SER B 21 9.35 -10.24 -25.32
N PHE B 22 10.43 -10.79 -25.87
CA PHE B 22 10.74 -12.19 -25.65
C PHE B 22 10.84 -12.47 -24.14
N HIS B 23 11.39 -11.54 -23.37
CA HIS B 23 11.49 -11.78 -21.95
C HIS B 23 10.13 -11.85 -21.28
N GLN B 24 9.23 -10.93 -21.66
CA GLN B 24 7.89 -10.91 -21.09
C GLN B 24 7.12 -12.16 -21.51
N GLU B 25 7.48 -12.71 -22.67
CA GLU B 25 6.88 -13.93 -23.20
C GLU B 25 7.32 -15.12 -22.34
N PHE B 26 8.61 -15.18 -22.05
CA PHE B 26 9.14 -16.11 -21.05
C PHE B 26 8.36 -16.02 -19.72
N LEU B 27 8.10 -14.81 -19.25
CA LEU B 27 7.39 -14.64 -17.98
C LEU B 27 5.97 -15.23 -18.06
N CYS B 28 5.33 -15.07 -19.21
CA CYS B 28 4.04 -15.74 -19.45
C CYS B 28 4.07 -17.25 -19.21
N MET B 29 5.24 -17.88 -19.32
CA MET B 29 5.35 -19.29 -19.03
C MET B 29 5.04 -19.59 -17.57
N PHE B 30 5.21 -18.60 -16.70
CA PHE B 30 5.03 -18.81 -15.26
C PHE B 30 3.78 -18.13 -14.73
N ASP B 31 2.81 -17.95 -15.61
CA ASP B 31 1.61 -17.17 -15.29
C ASP B 31 0.42 -18.09 -15.34
N SER B 32 0.47 -19.15 -14.54
CA SER B 32 -0.41 -20.29 -14.78
C SER B 32 -0.71 -21.11 -13.52
N GLY B 33 -1.92 -21.67 -13.49
CA GLY B 33 -2.42 -22.43 -12.35
C GLY B 33 -2.58 -21.57 -11.11
N ASN B 34 -2.77 -20.26 -11.30
CA ASN B 34 -2.81 -19.30 -10.20
C ASN B 34 -4.18 -19.31 -9.50
N ASP B 35 -5.23 -19.68 -10.25
CA ASP B 35 -6.63 -19.67 -9.76
C ASP B 35 -7.22 -18.27 -9.71
N GLY B 36 -6.68 -17.35 -10.52
CA GLY B 36 -7.09 -15.97 -10.48
C GLY B 36 -6.71 -15.25 -9.19
N ALA B 37 -5.69 -15.77 -8.51
CA ALA B 37 -5.00 -15.01 -7.46
C ALA B 37 -3.95 -14.10 -8.11
N ASP B 38 -3.84 -12.89 -7.59
CA ASP B 38 -3.01 -11.87 -8.21
C ASP B 38 -1.56 -12.06 -7.80
N VAL B 39 -0.93 -13.05 -8.41
CA VAL B 39 0.41 -13.49 -8.02
C VAL B 39 1.29 -13.70 -9.23
N GLY B 40 2.56 -13.96 -8.97
CA GLY B 40 3.46 -14.29 -10.06
C GLY B 40 3.94 -13.09 -10.80
N PRO B 41 4.46 -13.31 -12.01
CA PRO B 41 5.23 -12.27 -12.69
C PRO B 41 4.37 -11.04 -13.11
N PHE B 42 3.06 -11.23 -13.24
CA PHE B 42 2.21 -10.13 -13.68
C PHE B 42 1.36 -9.58 -12.52
N GLY B 43 1.70 -10.02 -11.31
CA GLY B 43 1.05 -9.57 -10.12
C GLY B 43 1.93 -8.52 -9.48
N PRO B 44 1.46 -7.97 -8.36
CA PRO B 44 2.05 -6.75 -7.83
C PRO B 44 3.29 -6.99 -6.99
N MET B 45 3.70 -8.24 -6.77
CA MET B 45 4.94 -8.48 -6.01
C MET B 45 6.16 -8.74 -6.90
N TYR B 46 5.99 -8.73 -8.22
CA TYR B 46 7.09 -9.02 -9.11
C TYR B 46 7.77 -7.70 -9.42
N HIS B 47 8.60 -7.28 -8.48
CA HIS B 47 9.29 -6.03 -8.62
C HIS B 47 10.76 -6.19 -8.29
N ILE B 48 11.49 -5.13 -8.53
CA ILE B 48 12.92 -5.05 -8.30
C ILE B 48 13.22 -3.73 -7.60
N VAL B 49 14.10 -3.79 -6.63
CA VAL B 49 14.49 -2.59 -5.92
C VAL B 49 15.95 -2.25 -6.13
N GLY B 50 16.25 -1.01 -5.80
CA GLY B 50 17.59 -0.50 -5.68
C GLY B 50 17.63 0.55 -4.58
N ALA B 51 18.65 0.48 -3.76
CA ALA B 51 18.93 1.47 -2.74
C ALA B 51 20.30 2.10 -2.95
N TRP B 52 20.37 3.41 -2.81
CA TRP B 52 21.60 4.19 -2.91
C TRP B 52 21.79 5.04 -1.70
N ARG B 53 23.02 5.06 -1.21
CA ARG B 53 23.40 5.96 -0.14
C ARG B 53 23.80 7.31 -0.77
N LEU B 54 23.15 8.37 -0.34
CA LEU B 54 23.37 9.72 -0.91
C LEU B 54 24.01 10.62 0.08
N THR B 55 25.10 11.19 -0.36
CA THR B 55 25.87 12.10 0.46
C THR B 55 25.82 13.47 -0.16
N GLY B 56 25.41 14.44 0.67
CA GLY B 56 25.22 15.81 0.25
C GLY B 56 23.80 16.30 0.54
N GLY B 57 23.63 17.62 0.53
CA GLY B 57 22.30 18.18 0.74
C GLY B 57 21.34 17.79 -0.36
N ILE B 58 20.05 17.68 -0.03
CA ILE B 58 19.04 17.33 -1.03
C ILE B 58 17.90 18.37 -1.00
N ASP B 59 17.48 18.82 -2.17
CA ASP B 59 16.23 19.55 -2.27
C ASP B 59 15.10 18.59 -2.73
N GLU B 60 14.26 18.22 -1.77
CA GLU B 60 13.33 17.12 -1.96
C GLU B 60 12.35 17.43 -3.09
N GLU B 61 11.92 18.68 -3.17
CA GLU B 61 11.03 19.12 -4.25
C GLU B 61 11.62 18.87 -5.62
N THR B 62 12.86 19.31 -5.82
CA THR B 62 13.53 19.14 -7.09
C THR B 62 13.80 17.63 -7.34
N LEU B 63 14.10 16.86 -6.32
CA LEU B 63 14.30 15.41 -6.53
C LEU B 63 12.99 14.75 -7.01
N ARG B 64 11.88 15.16 -6.40
CA ARG B 64 10.58 14.68 -6.83
C ARG B 64 10.29 15.01 -8.29
N GLU B 65 10.59 16.24 -8.69
CA GLU B 65 10.39 16.66 -10.08
C GLU B 65 11.25 15.82 -11.02
N ALA B 66 12.47 15.52 -10.60
CA ALA B 66 13.42 14.75 -11.42
C ALA B 66 12.84 13.33 -11.63
N LEU B 67 12.21 12.84 -10.58
CA LEU B 67 11.54 11.57 -10.59
C LEU B 67 10.46 11.56 -11.66
N GLY B 68 9.70 12.63 -11.78
CA GLY B 68 8.77 12.72 -12.89
C GLY B 68 9.45 12.79 -14.25
N ASP B 69 10.55 13.55 -14.33
CA ASP B 69 11.33 13.62 -15.58
C ASP B 69 11.75 12.23 -16.00
N VAL B 70 12.21 11.41 -15.06
CA VAL B 70 12.69 10.06 -15.44
C VAL B 70 11.58 9.17 -15.98
N VAL B 71 10.37 9.29 -15.46
CA VAL B 71 9.26 8.45 -15.89
C VAL B 71 8.80 8.93 -17.27
N VAL B 72 8.76 10.24 -17.48
CA VAL B 72 8.50 10.78 -18.82
C VAL B 72 9.55 10.27 -19.83
N ARG B 73 10.82 10.28 -19.44
CA ARG B 73 11.94 9.89 -20.33
C ARG B 73 11.89 8.42 -20.82
N HIS B 74 11.46 7.49 -19.96
CA HIS B 74 11.47 6.09 -20.32
C HIS B 74 10.06 5.51 -20.41
N GLU B 75 9.63 5.23 -21.65
CA GLU B 75 8.29 4.68 -21.90
C GLU B 75 8.03 3.38 -21.13
N ALA B 76 9.06 2.60 -20.85
CA ALA B 76 8.83 1.33 -20.18
C ALA B 76 8.28 1.56 -18.77
N LEU B 77 8.61 2.70 -18.19
CA LEU B 77 8.15 3.03 -16.86
C LEU B 77 6.72 3.55 -16.87
N ARG B 78 6.11 3.60 -18.04
CA ARG B 78 4.69 3.88 -18.05
C ARG B 78 4.02 3.02 -19.09
N THR B 79 4.60 1.85 -19.30
CA THR B 79 3.97 0.81 -20.09
C THR B 79 3.28 -0.19 -19.16
N SER B 80 1.97 -0.04 -19.06
CA SER B 80 1.19 -1.00 -18.29
C SER B 80 1.00 -2.28 -19.09
N LEU B 81 0.78 -3.38 -18.38
CA LEU B 81 0.39 -4.65 -18.98
C LEU B 81 -0.97 -5.04 -18.43
N VAL B 82 -1.94 -5.33 -19.30
CA VAL B 82 -3.29 -5.72 -18.87
C VAL B 82 -3.66 -7.06 -19.49
N ARG B 83 -4.40 -7.89 -18.73
CA ARG B 83 -4.88 -9.18 -19.19
C ARG B 83 -5.79 -9.05 -20.40
N GLU B 84 -5.46 -9.79 -21.44
CA GLU B 84 -6.22 -9.75 -22.68
C GLU B 84 -6.28 -11.19 -23.12
N GLY B 85 -7.46 -11.80 -22.98
CA GLY B 85 -7.57 -13.23 -23.15
C GLY B 85 -6.70 -13.94 -22.11
N GLY B 86 -5.89 -14.88 -22.59
CA GLY B 86 -4.95 -15.58 -21.75
C GLY B 86 -3.57 -14.97 -21.80
N THR B 87 -3.47 -13.70 -22.20
CA THR B 87 -2.17 -13.04 -22.31
C THR B 87 -2.21 -11.60 -21.75
N HIS B 88 -1.27 -10.78 -22.19
CA HIS B 88 -1.08 -9.45 -21.62
C HIS B 88 -0.78 -8.50 -22.75
N ARG B 89 -1.36 -7.33 -22.64
CA ARG B 89 -1.28 -6.34 -23.67
C ARG B 89 -0.59 -5.12 -23.08
N PRO B 90 0.51 -4.68 -23.70
CA PRO B 90 1.15 -3.45 -23.24
C PRO B 90 0.38 -2.21 -23.66
N GLU B 91 0.38 -1.18 -22.80
CA GLU B 91 -0.04 0.13 -23.24
C GLU B 91 0.88 1.17 -22.65
N ILE B 92 1.39 2.02 -23.52
CA ILE B 92 2.17 3.17 -23.08
C ILE B 92 1.17 4.24 -22.65
N LEU B 93 1.24 4.59 -21.38
CA LEU B 93 0.40 5.62 -20.81
C LEU B 93 1.17 6.93 -20.65
N PRO B 94 0.43 8.03 -20.51
CA PRO B 94 1.08 9.29 -20.12
C PRO B 94 1.54 9.22 -18.67
N ALA B 95 2.66 9.86 -18.34
CA ALA B 95 3.17 9.84 -16.98
C ALA B 95 2.12 10.31 -15.99
N GLY B 96 2.16 9.75 -14.78
CA GLY B 96 1.31 10.27 -13.72
C GLY B 96 2.05 11.35 -12.95
N PRO B 97 1.41 11.90 -11.92
CA PRO B 97 2.03 12.93 -11.09
C PRO B 97 3.36 12.51 -10.45
N ALA B 98 4.35 13.39 -10.48
CA ALA B 98 5.59 13.11 -9.78
C ALA B 98 5.24 12.89 -8.30
N ALA B 99 5.79 11.84 -7.69
CA ALA B 99 5.53 11.49 -6.30
C ALA B 99 6.81 11.03 -5.61
N LEU B 100 6.96 11.44 -4.36
CA LEU B 100 8.13 11.09 -3.58
C LEU B 100 7.71 11.09 -2.13
N GLU B 101 7.92 9.96 -1.46
CA GLU B 101 7.73 9.89 -0.02
C GLU B 101 9.06 10.08 0.67
N VAL B 102 9.05 10.83 1.75
CA VAL B 102 10.27 11.06 2.52
C VAL B 102 10.05 10.66 3.96
N ARG B 103 11.05 10.02 4.54
CA ARG B 103 11.07 9.69 5.95
C ARG B 103 12.28 10.21 6.65
N ASP B 104 12.08 10.69 7.86
CA ASP B 104 13.19 11.03 8.74
C ASP B 104 13.60 9.78 9.51
N LEU B 105 14.66 9.13 9.03
CA LEU B 105 15.10 7.87 9.65
C LEU B 105 15.92 8.06 10.90
N GLY B 106 16.39 9.27 11.15
CA GLY B 106 17.02 9.54 12.42
C GLY B 106 18.51 9.85 12.32
N ASP B 107 18.95 10.80 13.11
CA ASP B 107 20.36 11.19 13.19
C ASP B 107 21.12 10.24 14.16
N VAL B 108 21.55 9.07 13.68
CA VAL B 108 22.00 8.02 14.60
C VAL B 108 23.39 7.51 14.20
N ASP B 109 23.94 6.58 14.98
CA ASP B 109 25.19 5.90 14.61
C ASP B 109 25.13 5.32 13.23
N GLU B 110 26.29 5.30 12.58
CA GLU B 110 26.41 4.66 11.25
C GLU B 110 25.76 3.26 11.15
N SER B 111 26.04 2.38 12.10
CA SER B 111 25.45 1.05 12.06
C SER B 111 23.91 1.11 12.05
N GLU B 112 23.33 1.99 12.87
CA GLU B 112 21.88 2.09 12.93
C GLU B 112 21.37 2.71 11.62
N ARG B 113 22.15 3.60 10.99
CA ARG B 113 21.74 4.13 9.67
C ARG B 113 21.71 3.03 8.61
N VAL B 114 22.76 2.23 8.56
CA VAL B 114 22.79 1.12 7.65
C VAL B 114 21.57 0.24 7.91
N ARG B 115 21.31 -0.09 9.18
CA ARG B 115 20.21 -1.01 9.46
C ARG B 115 18.83 -0.45 9.12
N ARG B 116 18.58 0.80 9.49
CA ARG B 116 17.26 1.41 9.23
C ARG B 116 17.00 1.60 7.73
N GLY B 117 18.07 1.82 6.97
CA GLY B 117 18.00 1.81 5.52
C GLY B 117 17.58 0.47 4.94
N GLU B 118 18.21 -0.59 5.43
CA GLU B 118 17.83 -1.96 5.14
C GLU B 118 16.39 -2.27 5.54
N GLU B 119 15.98 -1.85 6.73
CA GLU B 119 14.58 -2.01 7.10
C GLU B 119 13.65 -1.28 6.14
N LEU B 120 14.04 -0.09 5.68
CA LEU B 120 13.19 0.65 4.75
C LEU B 120 13.08 -0.12 3.44
N LEU B 121 14.25 -0.56 2.99
CA LEU B 121 14.34 -1.38 1.77
C LEU B 121 13.48 -2.65 1.88
N ASN B 122 13.55 -3.37 3.01
CA ASN B 122 12.73 -4.57 3.19
C ASN B 122 11.26 -4.21 3.17
N GLU B 123 10.93 -3.04 3.75
CA GLU B 123 9.54 -2.65 3.90
C GLU B 123 9.01 -2.36 2.50
N VAL B 124 9.77 -1.65 1.69
CA VAL B 124 9.32 -1.34 0.35
C VAL B 124 9.10 -2.63 -0.47
N GLU B 125 10.04 -3.55 -0.36
CA GLU B 125 9.96 -4.84 -1.04
C GLU B 125 8.75 -5.62 -0.66
N SER B 126 8.25 -5.40 0.55
CA SER B 126 7.12 -6.19 1.02
C SER B 126 5.80 -5.55 0.61
N THR B 127 5.84 -4.37 0.01
CA THR B 127 4.61 -3.79 -0.53
C THR B 127 4.41 -4.13 -2.02
N GLY B 128 3.17 -4.07 -2.46
CA GLY B 128 2.82 -4.35 -3.83
C GLY B 128 2.93 -3.15 -4.76
N LEU B 129 3.07 -3.44 -6.03
CA LEU B 129 3.20 -2.44 -7.05
C LEU B 129 2.62 -3.06 -8.29
N SER B 130 1.41 -2.68 -8.63
CA SER B 130 0.72 -3.32 -9.74
C SER B 130 1.22 -2.93 -11.14
N VAL B 131 1.11 -3.84 -12.09
CA VAL B 131 1.61 -3.54 -13.41
C VAL B 131 0.46 -3.11 -14.31
N ARG B 132 -0.76 -3.20 -13.80
CA ARG B 132 -1.94 -2.95 -14.62
C ARG B 132 -2.27 -1.46 -14.69
N GLU B 133 -1.58 -0.65 -13.90
CA GLU B 133 -1.72 0.79 -14.00
C GLU B 133 -0.52 1.50 -13.35
N LEU B 134 -0.40 2.81 -13.59
CA LEU B 134 0.73 3.57 -13.10
C LEU B 134 0.50 3.80 -11.62
N PRO B 135 1.56 4.01 -10.86
CA PRO B 135 2.97 4.05 -11.27
C PRO B 135 3.62 2.65 -11.36
N LEU B 136 4.66 2.56 -12.21
CA LEU B 136 5.50 1.38 -12.34
C LEU B 136 6.85 1.59 -11.62
N LEU B 137 7.06 2.83 -11.15
CA LEU B 137 8.23 3.20 -10.34
C LEU B 137 7.76 4.07 -9.18
N ARG B 138 8.26 3.76 -7.99
CA ARG B 138 8.02 4.49 -6.76
C ARG B 138 9.34 4.74 -6.08
N ALA B 139 9.39 5.81 -5.28
CA ALA B 139 10.60 6.19 -4.60
C ALA B 139 10.29 6.61 -3.15
N VAL B 140 11.13 6.15 -2.24
CA VAL B 140 11.15 6.57 -0.86
C VAL B 140 12.55 7.05 -0.48
N LEU B 141 12.64 8.30 -0.06
CA LEU B 141 13.87 8.87 0.46
C LEU B 141 13.85 8.81 1.96
N GLY B 142 14.82 8.11 2.53
CA GLY B 142 15.00 8.12 3.96
C GLY B 142 16.21 8.93 4.34
N ARG B 143 15.96 10.00 5.09
CA ARG B 143 17.01 10.94 5.40
C ARG B 143 17.46 10.74 6.85
N PHE B 144 18.77 10.75 7.07
CA PHE B 144 19.32 10.62 8.42
C PHE B 144 19.66 11.97 8.99
N ASP B 145 20.21 12.83 8.14
CA ASP B 145 20.45 14.20 8.51
C ASP B 145 20.53 14.99 7.21
N GLN B 146 20.92 16.25 7.31
CA GLN B 146 20.81 17.16 6.16
C GLN B 146 21.69 16.73 4.98
N LYS B 147 22.70 15.92 5.23
CA LYS B 147 23.65 15.50 4.18
C LYS B 147 23.84 13.97 3.98
N ASP B 148 22.99 13.17 4.60
CA ASP B 148 23.11 11.73 4.53
C ASP B 148 21.72 11.16 4.40
N ALA B 149 21.51 10.33 3.38
CA ALA B 149 20.21 9.76 3.12
C ALA B 149 20.35 8.46 2.38
N VAL B 150 19.27 7.69 2.36
CA VAL B 150 19.20 6.52 1.48
C VAL B 150 18.00 6.72 0.56
N LEU B 151 18.22 6.52 -0.73
CA LEU B 151 17.17 6.56 -1.71
C LEU B 151 16.79 5.16 -2.14
N VAL B 152 15.54 4.79 -1.93
CA VAL B 152 14.99 3.51 -2.35
C VAL B 152 14.03 3.67 -3.53
N LEU B 153 14.34 2.97 -4.62
CA LEU B 153 13.50 2.87 -5.82
C LEU B 153 12.95 1.48 -5.97
N ILE B 154 11.70 1.39 -6.42
CA ILE B 154 11.12 0.11 -6.72
C ILE B 154 10.40 0.24 -8.04
N ALA B 155 10.54 -0.78 -8.86
CA ALA B 155 9.93 -0.83 -10.17
C ALA B 155 9.37 -2.21 -10.43
N HIS B 156 8.32 -2.28 -11.24
CA HIS B 156 7.83 -3.59 -11.64
C HIS B 156 8.90 -4.25 -12.52
N HIS B 157 9.21 -5.50 -12.19
CA HIS B 157 10.33 -6.20 -12.82
C HIS B 157 9.99 -6.64 -14.23
N THR B 158 8.73 -6.53 -14.66
CA THR B 158 8.48 -6.60 -16.11
C THR B 158 8.99 -5.35 -16.86
N ALA B 159 9.24 -4.25 -16.15
CA ALA B 159 9.60 -3.00 -16.79
C ALA B 159 11.09 -2.67 -16.67
N ALA B 160 11.77 -3.26 -15.69
CA ALA B 160 13.13 -2.89 -15.38
C ALA B 160 13.88 -4.10 -14.88
N ASP B 161 15.10 -4.31 -15.41
CA ASP B 161 16.03 -5.24 -14.78
C ASP B 161 17.04 -4.43 -13.95
N ALA B 162 18.04 -5.11 -13.41
CA ALA B 162 19.03 -4.49 -12.54
C ALA B 162 19.83 -3.40 -13.25
N TRP B 163 20.24 -3.68 -14.48
CA TRP B 163 20.97 -2.70 -15.27
C TRP B 163 20.07 -1.45 -15.43
N ALA B 164 18.80 -1.68 -15.72
CA ALA B 164 17.85 -0.58 -15.91
C ALA B 164 17.77 0.29 -14.65
N MET B 165 17.85 -0.32 -13.47
CA MET B 165 17.74 0.44 -12.23
C MET B 165 18.92 1.41 -12.08
N HIS B 166 20.10 1.00 -12.52
CA HIS B 166 21.28 1.85 -12.46
C HIS B 166 21.13 2.97 -13.47
N VAL B 167 20.47 2.68 -14.59
CA VAL B 167 20.22 3.71 -15.58
C VAL B 167 19.26 4.75 -14.99
N ILE B 168 18.16 4.27 -14.40
CA ILE B 168 17.19 5.11 -13.71
C ILE B 168 17.88 5.99 -12.65
N ALA B 169 18.71 5.40 -11.79
CA ALA B 169 19.34 6.20 -10.75
C ALA B 169 20.27 7.27 -11.37
N ARG B 170 20.98 6.91 -12.44
CA ARG B 170 21.93 7.81 -13.09
C ARG B 170 21.16 8.99 -13.70
N ASP B 171 20.11 8.67 -14.44
CA ASP B 171 19.26 9.65 -15.10
C ASP B 171 18.62 10.55 -14.06
N LEU B 172 18.08 9.97 -13.01
CA LEU B 172 17.43 10.74 -11.98
C LEU B 172 18.38 11.78 -11.39
N LEU B 173 19.58 11.38 -11.04
CA LEU B 173 20.44 12.29 -10.31
C LEU B 173 21.06 13.31 -11.25
N ASN B 174 21.26 12.93 -12.51
CA ASN B 174 21.63 13.88 -13.55
C ASN B 174 20.53 14.98 -13.69
N LEU B 175 19.27 14.56 -13.81
CA LEU B 175 18.18 15.49 -14.08
C LEU B 175 17.92 16.36 -12.85
N TYR B 176 18.08 15.76 -11.67
CA TYR B 176 18.09 16.52 -10.44
C TYR B 176 19.23 17.58 -10.48
N ALA B 177 20.44 17.17 -10.83
CA ALA B 177 21.56 18.11 -10.81
C ALA B 177 21.35 19.28 -11.75
N ALA B 178 20.88 18.98 -12.95
CA ALA B 178 20.59 20.00 -13.93
C ALA B 178 19.54 21.00 -13.40
N ARG B 179 18.46 20.46 -12.84
CA ARG B 179 17.41 21.31 -12.32
C ARG B 179 17.88 22.20 -11.18
N ARG B 180 18.87 21.73 -10.42
CA ARG B 180 19.43 22.59 -9.36
C ARG B 180 20.43 23.61 -9.84
N GLY B 181 20.73 23.61 -11.13
CA GLY B 181 21.79 24.46 -11.64
C GLY B 181 23.18 23.93 -11.35
N ASN B 182 23.32 22.64 -11.14
CA ASN B 182 24.66 22.06 -11.07
C ASN B 182 25.08 21.66 -12.47
N PRO B 183 26.30 22.03 -12.88
CA PRO B 183 26.63 21.68 -14.26
C PRO B 183 26.90 20.19 -14.43
N VAL B 184 26.22 19.59 -15.39
CA VAL B 184 26.36 18.16 -15.65
C VAL B 184 26.21 17.96 -17.12
N PRO B 185 26.79 16.88 -17.63
CA PRO B 185 26.68 16.69 -19.07
C PRO B 185 25.25 16.37 -19.41
N PRO B 186 24.83 16.74 -20.61
CA PRO B 186 23.48 16.34 -21.03
C PRO B 186 23.36 14.82 -21.10
N LEU B 187 22.13 14.29 -21.02
CA LEU B 187 21.88 12.86 -21.15
C LEU B 187 21.74 12.48 -22.63
N PRO B 188 22.34 11.35 -23.03
CA PRO B 188 22.03 10.91 -24.41
C PRO B 188 20.50 10.74 -24.61
N GLU B 189 20.01 10.90 -25.85
CA GLU B 189 18.62 10.48 -26.13
C GLU B 189 18.54 8.97 -25.97
N PRO B 190 17.59 8.47 -25.19
CA PRO B 190 17.62 7.02 -25.06
C PRO B 190 16.79 6.31 -26.11
N ALA B 191 17.16 5.08 -26.42
CA ALA B 191 16.29 4.23 -27.21
C ALA B 191 15.24 3.70 -26.24
N GLN B 192 14.03 3.51 -26.74
CA GLN B 192 12.92 3.12 -25.90
C GLN B 192 12.81 1.61 -25.92
N HIS B 193 12.27 1.01 -24.88
CA HIS B 193 12.19 -0.41 -24.89
C HIS B 193 11.34 -0.93 -26.06
N ALA B 194 10.38 -0.15 -26.55
CA ALA B 194 9.55 -0.63 -27.66
C ALA B 194 10.43 -0.83 -28.90
N GLU B 195 11.47 -0.02 -29.02
CA GLU B 195 12.37 -0.12 -30.17
C GLU B 195 13.14 -1.44 -30.06
N PHE B 196 13.55 -1.78 -28.85
CA PHE B 196 14.26 -3.04 -28.67
C PHE B 196 13.34 -4.21 -29.02
N ALA B 197 12.08 -4.12 -28.60
CA ALA B 197 11.16 -5.22 -28.83
C ALA B 197 11.00 -5.48 -30.34
N ARG B 198 10.92 -4.41 -31.11
CA ARG B 198 10.83 -4.56 -32.55
C ARG B 198 12.12 -5.15 -33.07
N TRP B 199 13.23 -4.61 -32.58
CA TRP B 199 14.54 -5.00 -33.08
C TRP B 199 14.83 -6.49 -32.84
N GLU B 200 14.62 -6.96 -31.60
CA GLU B 200 14.97 -8.32 -31.24
C GLU B 200 14.18 -9.32 -32.09
N ARG B 201 12.99 -8.91 -32.48
CA ARG B 201 12.17 -9.73 -33.34
C ARG B 201 12.71 -9.74 -34.76
N GLU B 202 13.13 -8.58 -35.26
CA GLU B 202 13.82 -8.57 -36.55
C GLU B 202 15.04 -9.51 -36.51
N ALA B 203 15.83 -9.35 -35.44
CA ALA B 203 17.10 -10.04 -35.30
C ALA B 203 16.88 -11.57 -35.20
N ALA B 204 15.77 -11.98 -34.60
CA ALA B 204 15.49 -13.40 -34.41
C ALA B 204 15.03 -14.09 -35.68
N GLU B 205 15.07 -13.39 -36.80
CA GLU B 205 14.75 -13.97 -38.10
C GLU B 205 16.03 -14.11 -38.96
N ALA B 206 17.16 -13.67 -38.43
CA ALA B 206 18.42 -13.76 -39.15
C ALA B 206 18.88 -15.23 -39.33
N PRO B 207 19.73 -15.48 -40.34
CA PRO B 207 20.12 -16.88 -40.60
C PRO B 207 21.02 -17.52 -39.54
N ARG B 208 21.85 -16.75 -38.85
CA ARG B 208 22.67 -17.30 -37.78
C ARG B 208 21.82 -17.94 -36.66
N VAL B 209 20.54 -17.56 -36.62
CA VAL B 209 19.65 -18.01 -35.56
C VAL B 209 19.29 -19.49 -35.78
N ALA B 210 18.91 -19.86 -37.00
CA ALA B 210 18.65 -21.27 -37.30
C ALA B 210 19.82 -22.17 -36.90
N VAL B 211 21.03 -21.68 -37.15
CA VAL B 211 22.25 -22.35 -36.76
C VAL B 211 22.30 -22.55 -35.25
N SER B 212 22.06 -21.47 -34.52
CA SER B 212 22.06 -21.56 -33.07
C SER B 212 20.96 -22.51 -32.60
N LYS B 213 19.84 -22.55 -33.29
CA LYS B 213 18.79 -23.45 -32.85
C LYS B 213 19.22 -24.90 -32.98
N GLU B 214 19.94 -25.20 -34.07
CA GLU B 214 20.48 -26.54 -34.27
C GLU B 214 21.44 -26.86 -33.15
N PHE B 215 22.28 -25.89 -32.83
CA PHE B 215 23.18 -26.10 -31.72
C PHE B 215 22.42 -26.50 -30.46
N TRP B 216 21.37 -25.74 -30.11
CA TRP B 216 20.68 -25.97 -28.84
C TRP B 216 19.95 -27.31 -28.86
N ARG B 217 19.32 -27.62 -29.98
CA ARG B 217 18.53 -28.80 -30.09
C ARG B 217 19.42 -29.98 -29.76
N LYS B 218 20.66 -29.94 -30.23
CA LYS B 218 21.60 -31.03 -30.01
C LYS B 218 22.20 -30.95 -28.60
N ARG B 219 22.64 -29.77 -28.22
CA ARG B 219 23.33 -29.59 -26.95
C ARG B 219 22.43 -29.99 -25.78
N LEU B 220 21.12 -29.76 -25.91
CA LEU B 220 20.19 -30.02 -24.83
C LEU B 220 19.34 -31.27 -25.08
N GLN B 221 19.80 -32.15 -26.00
CA GLN B 221 19.00 -33.32 -26.34
C GLN B 221 18.87 -34.17 -25.10
N GLY B 222 17.64 -34.49 -24.74
CA GLY B 222 17.36 -35.30 -23.56
C GLY B 222 17.63 -34.61 -22.20
N ALA B 223 18.05 -33.36 -22.23
CA ALA B 223 18.34 -32.59 -21.02
C ALA B 223 17.09 -32.22 -20.20
N ARG B 224 17.30 -32.14 -18.89
CA ARG B 224 16.26 -31.72 -17.96
C ARG B 224 16.89 -30.74 -17.00
N ILE B 225 16.34 -29.53 -16.91
CA ILE B 225 16.82 -28.64 -15.86
C ILE B 225 16.63 -29.33 -14.54
N ILE B 226 17.66 -29.26 -13.73
CA ILE B 226 17.70 -30.10 -12.56
C ILE B 226 16.67 -29.59 -11.54
N GLY B 227 15.84 -30.51 -11.05
CA GLY B 227 14.88 -30.21 -10.02
C GLY B 227 15.38 -30.44 -8.59
N LEU B 228 15.11 -29.47 -7.75
CA LEU B 228 15.32 -29.58 -6.33
C LEU B 228 14.02 -30.12 -5.68
N GLU B 229 14.15 -31.13 -4.83
CA GLU B 229 13.04 -31.70 -4.12
C GLU B 229 12.50 -30.67 -3.11
N THR B 230 11.20 -30.37 -3.18
CA THR B 230 10.60 -29.34 -2.30
C THR B 230 10.18 -29.94 -0.96
N ASP B 231 10.18 -29.15 0.11
CA ASP B 231 9.55 -29.59 1.37
C ASP B 231 8.04 -29.76 1.30
N ILE B 232 7.39 -28.92 0.51
CA ILE B 232 5.94 -28.90 0.48
C ILE B 232 5.55 -29.10 -0.95
N PRO B 233 4.68 -30.05 -1.24
CA PRO B 233 4.35 -30.24 -2.65
C PRO B 233 3.49 -29.13 -3.23
N ARG B 234 3.52 -29.02 -4.55
CA ARG B 234 2.69 -28.09 -5.28
C ARG B 234 1.22 -28.26 -4.93
N SER B 235 0.82 -29.52 -4.81
CA SER B 235 -0.57 -29.89 -4.66
C SER B 235 -1.16 -29.49 -3.30
N ALA B 236 -0.32 -28.96 -2.42
CA ALA B 236 -0.81 -28.52 -1.12
C ALA B 236 -1.47 -27.14 -1.27
N GLY B 237 -1.12 -26.42 -2.34
CA GLY B 237 -1.76 -25.16 -2.66
C GLY B 237 -1.66 -24.09 -1.58
N LEU B 238 -0.53 -24.04 -0.87
CA LEU B 238 -0.31 -22.96 0.09
C LEU B 238 -0.16 -21.66 -0.66
N PRO B 239 -0.54 -20.53 -0.03
CA PRO B 239 -0.42 -19.19 -0.62
C PRO B 239 0.98 -18.88 -1.13
N LYS B 240 1.03 -18.27 -2.30
CA LYS B 240 2.27 -17.86 -2.88
C LYS B 240 2.97 -16.78 -2.02
N GLY B 241 4.24 -17.04 -1.71
CA GLY B 241 5.12 -16.04 -1.15
C GLY B 241 6.57 -16.34 -1.52
N THR B 242 7.45 -15.34 -1.40
CA THR B 242 8.87 -15.54 -1.67
C THR B 242 9.71 -14.92 -0.58
N ALA B 243 10.56 -15.74 0.06
CA ALA B 243 11.50 -15.25 1.06
C ALA B 243 12.87 -15.18 0.44
N TRP B 244 13.77 -14.41 1.07
CA TRP B 244 15.08 -14.13 0.54
C TRP B 244 16.04 -14.19 1.70
N GLN B 245 16.98 -15.14 1.67
CA GLN B 245 18.01 -15.17 2.70
C GLN B 245 19.27 -14.56 2.13
N ARG B 246 19.79 -13.53 2.80
CA ARG B 246 20.82 -12.72 2.21
C ARG B 246 22.11 -12.99 2.94
N PHE B 247 23.21 -12.92 2.19
CA PHE B 247 24.52 -13.31 2.69
C PHE B 247 25.66 -12.53 1.98
N ALA B 248 26.82 -12.47 2.60
CA ALA B 248 27.95 -11.88 1.96
C ALA B 248 29.11 -12.86 1.95
N VAL B 249 29.79 -13.00 0.83
CA VAL B 249 30.95 -13.84 0.83
C VAL B 249 32.06 -13.15 1.63
N ARG B 250 32.47 -13.84 2.71
CA ARG B 250 33.55 -13.43 3.59
C ARG B 250 34.78 -12.95 2.81
N GLY B 251 35.31 -11.79 3.20
CA GLY B 251 36.46 -11.17 2.56
C GLY B 251 37.56 -12.09 2.04
N GLU B 252 38.20 -12.89 2.89
CA GLU B 252 39.33 -13.71 2.43
C GLU B 252 38.87 -14.81 1.49
N LEU B 253 37.69 -15.38 1.74
CA LEU B 253 37.10 -16.31 0.78
C LEU B 253 36.87 -15.63 -0.57
N ALA B 254 36.35 -14.39 -0.53
CA ALA B 254 36.09 -13.64 -1.76
C ALA B 254 37.40 -13.39 -2.50
N ASP B 255 38.43 -12.99 -1.77
CA ASP B 255 39.76 -12.83 -2.35
C ASP B 255 40.19 -14.15 -2.97
N ALA B 256 39.96 -15.25 -2.26
CA ALA B 256 40.41 -16.56 -2.77
C ALA B 256 39.69 -16.88 -4.06
N VAL B 257 38.41 -16.52 -4.15
CA VAL B 257 37.68 -16.79 -5.38
C VAL B 257 38.22 -15.92 -6.48
N VAL B 258 38.43 -14.65 -6.20
CA VAL B 258 38.89 -13.77 -7.27
C VAL B 258 40.28 -14.20 -7.77
N GLU B 259 41.18 -14.56 -6.86
CA GLU B 259 42.52 -14.97 -7.27
C GLU B 259 42.53 -16.33 -7.94
N PHE B 260 41.73 -17.26 -7.44
CA PHE B 260 41.70 -18.56 -8.10
C PHE B 260 41.20 -18.34 -9.52
N SER B 261 40.18 -17.51 -9.67
CA SER B 261 39.56 -17.32 -10.97
C SER B 261 40.53 -16.68 -11.96
N ARG B 262 41.24 -15.68 -11.47
CA ARG B 262 42.16 -14.93 -12.30
C ARG B 262 43.29 -15.89 -12.73
N ALA B 263 43.82 -16.67 -11.80
CA ALA B 263 44.94 -17.56 -12.12
C ALA B 263 44.52 -18.66 -13.09
N ALA B 264 43.27 -19.09 -13.01
CA ALA B 264 42.72 -20.09 -13.92
C ALA B 264 42.16 -19.51 -15.23
N LYS B 265 42.08 -18.19 -15.33
CA LYS B 265 41.55 -17.55 -16.54
C LYS B 265 40.08 -17.92 -16.76
N CYS B 266 39.31 -17.95 -15.69
N CYS B 266 39.33 -17.96 -15.66
CA CYS B 266 37.85 -17.99 -15.81
CA CYS B 266 37.87 -18.09 -15.67
C CYS B 266 37.31 -16.79 -15.07
C CYS B 266 37.26 -16.94 -14.87
N SER B 267 36.00 -16.63 -15.09
CA SER B 267 35.37 -15.54 -14.36
C SER B 267 35.00 -16.02 -12.95
N PRO B 268 34.92 -15.08 -12.01
CA PRO B 268 34.37 -15.41 -10.70
C PRO B 268 33.01 -16.11 -10.78
N PHE B 269 32.14 -15.66 -11.66
CA PHE B 269 30.86 -16.35 -11.87
C PHE B 269 31.04 -17.84 -12.12
N MET B 270 32.01 -18.18 -12.97
CA MET B 270 32.21 -19.56 -13.41
C MET B 270 32.63 -20.43 -12.25
N THR B 271 33.50 -19.87 -11.41
CA THR B 271 33.92 -20.50 -10.18
C THR B 271 32.75 -20.69 -9.21
N MET B 272 31.96 -19.64 -9.00
CA MET B 272 30.81 -19.72 -8.11
C MET B 272 29.81 -20.73 -8.61
N PHE B 273 29.60 -20.73 -9.92
CA PHE B 273 28.60 -21.61 -10.54
C PHE B 273 29.11 -23.05 -10.54
N ALA B 274 30.41 -23.25 -10.78
CA ALA B 274 31.02 -24.56 -10.68
C ALA B 274 30.78 -25.14 -9.28
N ALA B 275 30.96 -24.32 -8.27
CA ALA B 275 30.74 -24.79 -6.92
C ALA B 275 29.23 -25.18 -6.67
N TYR B 276 28.29 -24.44 -7.26
CA TYR B 276 26.86 -24.80 -7.16
C TYR B 276 26.63 -26.17 -7.81
N GLN B 277 27.28 -26.39 -8.95
CA GLN B 277 27.17 -27.70 -9.59
C GLN B 277 27.73 -28.84 -8.74
N VAL B 278 28.84 -28.60 -8.06
CA VAL B 278 29.34 -29.62 -7.14
C VAL B 278 28.32 -29.86 -6.01
N LEU B 279 27.77 -28.79 -5.48
CA LEU B 279 26.78 -28.91 -4.41
C LEU B 279 25.61 -29.75 -4.84
N LEU B 280 25.13 -29.48 -6.05
CA LEU B 280 24.02 -30.22 -6.60
C LEU B 280 24.37 -31.68 -6.81
N HIS B 281 25.64 -31.95 -7.15
CA HIS B 281 26.04 -33.33 -7.33
C HIS B 281 25.95 -34.05 -5.99
N ARG B 282 26.43 -33.41 -4.93
CA ARG B 282 26.31 -33.98 -3.58
C ARG B 282 24.86 -34.15 -3.10
N ARG B 283 23.94 -33.30 -3.52
CA ARG B 283 22.56 -33.41 -3.03
C ARG B 283 21.78 -34.45 -3.81
N THR B 284 22.06 -34.58 -5.11
CA THR B 284 21.20 -35.38 -5.99
C THR B 284 21.89 -36.54 -6.67
N GLY B 285 23.22 -36.51 -6.70
CA GLY B 285 23.96 -37.58 -7.35
C GLY B 285 24.09 -37.43 -8.85
N GLU B 286 23.43 -36.43 -9.42
CA GLU B 286 23.45 -36.28 -10.87
C GLU B 286 24.85 -35.81 -11.35
N LEU B 287 25.19 -36.18 -12.57
CA LEU B 287 26.47 -35.78 -13.13
C LEU B 287 26.25 -34.94 -14.37
N ASP B 288 25.12 -35.20 -15.03
CA ASP B 288 24.66 -34.39 -16.15
C ASP B 288 23.74 -33.35 -15.55
N ILE B 289 24.28 -32.14 -15.43
CA ILE B 289 23.66 -31.08 -14.69
C ILE B 289 23.36 -29.90 -15.61
N THR B 290 22.09 -29.55 -15.68
CA THR B 290 21.64 -28.39 -16.43
C THR B 290 20.99 -27.43 -15.45
N VAL B 291 21.58 -26.24 -15.35
CA VAL B 291 21.09 -25.17 -14.48
C VAL B 291 21.02 -23.91 -15.32
N PRO B 292 19.87 -23.22 -15.30
CA PRO B 292 19.74 -21.95 -16.02
C PRO B 292 20.42 -20.85 -15.29
N THR B 293 20.94 -19.88 -16.04
CA THR B 293 21.32 -18.63 -15.46
C THR B 293 20.52 -17.56 -16.18
N PHE B 294 20.63 -16.33 -15.71
CA PHE B 294 20.20 -15.16 -16.49
C PHE B 294 21.40 -14.38 -16.98
N SER B 295 21.51 -14.25 -18.30
CA SER B 295 22.43 -13.32 -18.92
C SER B 295 21.82 -11.91 -18.88
N GLY B 296 22.67 -10.93 -19.15
CA GLY B 296 22.27 -9.54 -19.10
C GLY B 296 21.35 -9.18 -20.24
N GLY B 297 21.50 -9.89 -21.36
CA GLY B 297 20.68 -9.65 -22.53
C GLY B 297 20.93 -8.32 -23.23
N ARG B 298 22.03 -7.64 -22.88
CA ARG B 298 22.29 -6.31 -23.44
C ARG B 298 23.51 -6.29 -24.36
N ASN B 299 23.57 -7.22 -25.30
CA ASN B 299 24.74 -7.39 -26.17
C ASN B 299 24.78 -6.21 -27.12
N ASN B 300 23.60 -5.75 -27.48
CA ASN B 300 23.50 -4.63 -28.38
C ASN B 300 23.62 -3.30 -27.61
N SER B 301 24.78 -2.65 -27.73
CA SER B 301 25.14 -1.51 -26.88
C SER B 301 24.28 -0.30 -27.23
N ARG B 302 23.70 -0.31 -28.40
CA ARG B 302 22.68 0.66 -28.73
C ARG B 302 21.61 0.79 -27.59
N PHE B 303 21.38 -0.27 -26.81
CA PHE B 303 20.29 -0.19 -25.82
C PHE B 303 20.73 -0.08 -24.35
N GLU B 304 21.97 0.33 -24.11
CA GLU B 304 22.51 0.38 -22.76
C GLU B 304 21.99 1.55 -21.91
N ASP B 305 21.44 2.58 -22.54
CA ASP B 305 20.78 3.67 -21.83
C ASP B 305 19.26 3.38 -21.73
N THR B 306 18.87 2.12 -21.99
CA THR B 306 17.46 1.81 -22.24
C THR B 306 16.88 1.13 -21.01
N VAL B 307 15.78 1.69 -20.53
CA VAL B 307 15.05 1.09 -19.44
C VAL B 307 14.08 0.07 -20.01
N GLY B 308 14.19 -1.15 -19.46
CA GLY B 308 13.38 -2.29 -19.84
C GLY B 308 13.93 -3.53 -19.14
N SER B 309 13.30 -4.68 -19.33
CA SER B 309 13.86 -5.88 -18.76
C SER B 309 14.40 -6.77 -19.89
N PHE B 310 15.72 -6.86 -19.95
CA PHE B 310 16.44 -7.49 -21.06
C PHE B 310 16.98 -8.88 -20.71
N ILE B 311 16.98 -9.22 -19.42
CA ILE B 311 17.65 -10.43 -19.00
C ILE B 311 17.08 -11.66 -19.70
N ASN B 312 17.93 -12.67 -19.86
CA ASN B 312 17.57 -13.83 -20.67
C ASN B 312 17.94 -15.13 -19.95
N PHE B 313 16.92 -15.92 -19.72
CA PHE B 313 17.00 -17.27 -19.17
C PHE B 313 17.86 -18.12 -20.10
N LEU B 314 18.99 -18.61 -19.61
CA LEU B 314 19.98 -19.26 -20.45
C LEU B 314 20.42 -20.57 -19.79
N PRO B 315 20.03 -21.70 -20.37
CA PRO B 315 20.42 -23.01 -19.79
C PRO B 315 21.91 -23.38 -19.99
N LEU B 316 22.57 -23.68 -18.88
CA LEU B 316 23.95 -24.11 -18.88
C LEU B 316 24.01 -25.60 -18.49
N ARG B 317 24.37 -26.43 -19.45
CA ARG B 317 24.48 -27.87 -19.25
C ARG B 317 25.93 -28.33 -19.20
N THR B 318 26.35 -28.97 -18.11
CA THR B 318 27.69 -29.53 -18.05
C THR B 318 27.69 -30.97 -17.57
N ASP B 319 28.53 -31.77 -18.22
CA ASP B 319 28.76 -33.14 -17.81
C ASP B 319 29.90 -33.16 -16.83
N LEU B 320 29.62 -33.55 -15.58
CA LEU B 320 30.63 -33.54 -14.53
C LEU B 320 31.28 -34.93 -14.36
N SER B 321 30.82 -35.92 -15.11
CA SER B 321 31.33 -37.26 -14.83
C SER B 321 32.80 -37.39 -15.27
N GLY B 322 33.58 -38.02 -14.39
CA GLY B 322 35.00 -38.20 -14.60
C GLY B 322 35.87 -37.03 -14.22
N CYS B 323 35.30 -35.98 -13.65
CA CYS B 323 36.11 -34.88 -13.11
C CYS B 323 36.96 -35.35 -11.94
N ALA B 324 38.22 -34.93 -11.96
CA ALA B 324 39.18 -35.36 -10.96
C ALA B 324 39.39 -34.31 -9.89
N SER B 325 38.96 -33.07 -10.18
CA SER B 325 39.20 -31.95 -9.28
C SER B 325 38.19 -30.84 -9.49
N PHE B 326 38.11 -29.93 -8.53
CA PHE B 326 37.31 -28.74 -8.72
C PHE B 326 37.78 -27.97 -9.95
N ARG B 327 39.11 -27.81 -10.12
CA ARG B 327 39.65 -27.09 -11.29
C ARG B 327 39.05 -27.66 -12.57
N GLU B 328 38.88 -28.96 -12.63
CA GLU B 328 38.33 -29.57 -13.85
C GLU B 328 36.87 -29.17 -14.02
N VAL B 329 36.12 -29.09 -12.92
CA VAL B 329 34.73 -28.66 -13.02
C VAL B 329 34.65 -27.23 -13.54
N VAL B 330 35.45 -26.36 -12.98
CA VAL B 330 35.44 -24.98 -13.38
C VAL B 330 35.73 -24.87 -14.89
N LEU B 331 36.65 -25.68 -15.41
CA LEU B 331 37.04 -25.56 -16.81
C LEU B 331 36.00 -26.09 -17.78
N ARG B 332 35.31 -27.16 -17.43
CA ARG B 332 34.14 -27.60 -18.18
C ARG B 332 33.06 -26.53 -18.16
N THR B 333 32.90 -25.88 -17.01
CA THR B 333 31.94 -24.79 -16.87
C THR B 333 32.28 -23.62 -17.79
N ARG B 334 33.55 -23.23 -17.82
CA ARG B 334 33.98 -22.21 -18.76
C ARG B 334 33.63 -22.56 -20.21
N THR B 335 33.92 -23.77 -20.61
CA THR B 335 33.55 -24.26 -21.94
C THR B 335 32.06 -24.15 -22.18
N THR B 336 31.27 -24.62 -21.21
CA THR B 336 29.83 -24.59 -21.31
C THR B 336 29.37 -23.14 -21.56
N CYS B 337 29.86 -22.23 -20.73
CA CYS B 337 29.43 -20.83 -20.78
C CYS B 337 29.79 -20.19 -22.12
N GLY B 338 31.03 -20.42 -22.52
CA GLY B 338 31.52 -19.94 -23.80
C GLY B 338 30.57 -20.26 -24.94
N GLU B 339 30.19 -21.53 -25.08
CA GLU B 339 29.32 -21.88 -26.19
C GLU B 339 27.90 -21.35 -25.95
N ALA B 340 27.45 -21.28 -24.71
CA ALA B 340 26.09 -20.82 -24.45
C ALA B 340 25.98 -19.37 -24.91
N PHE B 341 26.95 -18.55 -24.52
CA PHE B 341 26.92 -17.15 -24.89
C PHE B 341 27.13 -16.95 -26.40
N THR B 342 27.93 -17.80 -27.03
CA THR B 342 28.14 -17.69 -28.48
C THR B 342 26.86 -17.98 -29.24
N HIS B 343 26.10 -18.95 -28.76
CA HIS B 343 24.88 -19.36 -29.45
C HIS B 343 23.59 -18.82 -28.76
N GLU B 344 23.73 -17.81 -27.92
CA GLU B 344 22.63 -17.39 -27.08
C GLU B 344 21.42 -16.99 -27.92
N LEU B 345 20.27 -17.53 -27.53
CA LEU B 345 18.97 -17.18 -28.10
C LEU B 345 18.05 -16.70 -26.99
N PRO B 346 17.12 -15.78 -27.30
CA PRO B 346 16.00 -15.56 -26.37
C PRO B 346 15.35 -16.89 -26.02
N PHE B 347 15.10 -17.14 -24.75
CA PHE B 347 14.62 -18.46 -24.31
C PHE B 347 13.34 -18.91 -25.03
N SER B 348 12.47 -17.97 -25.34
CA SER B 348 11.17 -18.32 -25.89
C SER B 348 11.36 -18.81 -27.32
N ARG B 349 12.52 -18.53 -27.92
CA ARG B 349 12.84 -19.11 -29.24
C ARG B 349 13.71 -20.35 -29.13
N LEU B 350 14.26 -20.58 -27.94
CA LEU B 350 15.05 -21.78 -27.69
C LEU B 350 14.14 -22.93 -27.30
N ILE B 351 13.27 -22.69 -26.31
CA ILE B 351 12.45 -23.75 -25.69
C ILE B 351 11.65 -24.61 -26.69
N PRO B 352 11.16 -24.05 -27.82
CA PRO B 352 10.48 -24.96 -28.75
C PRO B 352 11.35 -26.09 -29.33
N GLU B 353 12.67 -25.90 -29.42
CA GLU B 353 13.60 -26.97 -29.80
C GLU B 353 13.66 -28.12 -28.78
N VAL B 354 13.41 -27.84 -27.50
CA VAL B 354 13.53 -28.84 -26.43
C VAL B 354 12.48 -28.58 -25.35
N PRO B 355 11.22 -28.74 -25.73
CA PRO B 355 10.09 -28.28 -24.90
C PRO B 355 10.00 -28.95 -23.53
N GLU B 356 10.66 -30.09 -23.37
CA GLU B 356 10.58 -30.88 -22.14
C GLU B 356 11.71 -30.53 -21.17
N LEU B 357 12.53 -29.57 -21.57
CA LEU B 357 13.66 -29.13 -20.75
C LEU B 357 13.21 -28.70 -19.34
N MET B 358 12.01 -28.12 -19.29
CA MET B 358 11.41 -27.55 -18.08
C MET B 358 10.48 -28.46 -17.27
N ALA B 359 10.52 -29.77 -17.52
CA ALA B 359 9.54 -30.70 -16.92
C ALA B 359 9.54 -30.76 -15.40
N SER B 360 10.67 -30.49 -14.75
CA SER B 360 10.71 -30.54 -13.28
C SER B 360 10.14 -29.29 -12.68
N ALA B 361 9.92 -28.28 -13.50
CA ALA B 361 9.59 -26.96 -13.00
C ALA B 361 8.20 -26.94 -12.39
N ALA B 362 7.32 -27.76 -12.96
CA ALA B 362 5.92 -27.79 -12.57
C ALA B 362 5.52 -29.09 -11.88
N SER B 363 6.46 -30.02 -11.74
CA SER B 363 6.19 -31.26 -11.02
C SER B 363 5.70 -31.05 -9.58
N ASP B 364 5.12 -32.10 -9.00
CA ASP B 364 4.44 -31.91 -7.73
C ASP B 364 5.41 -31.72 -6.58
N ASN B 365 6.60 -32.32 -6.68
CA ASN B 365 7.56 -32.33 -5.57
C ASN B 365 8.95 -31.80 -5.90
N HIS B 366 9.10 -31.14 -7.05
CA HIS B 366 10.35 -30.45 -7.35
C HIS B 366 10.11 -29.01 -7.88
N GLN B 367 11.17 -28.23 -7.82
CA GLN B 367 11.25 -26.94 -8.49
C GLN B 367 12.61 -26.75 -9.12
N ILE B 368 12.67 -25.96 -10.18
CA ILE B 368 13.96 -25.66 -10.77
C ILE B 368 14.65 -24.55 -10.00
N SER B 369 15.96 -24.54 -10.08
CA SER B 369 16.73 -23.42 -9.57
C SER B 369 17.44 -22.68 -10.70
N VAL B 370 17.83 -21.45 -10.38
CA VAL B 370 18.52 -20.55 -11.26
C VAL B 370 19.70 -20.00 -10.48
N PHE B 371 20.85 -19.92 -11.13
CA PHE B 371 22.05 -19.39 -10.47
C PHE B 371 22.60 -18.23 -11.32
N GLN B 372 22.48 -16.99 -10.84
CA GLN B 372 22.84 -15.84 -11.67
C GLN B 372 23.82 -14.93 -10.98
N ALA B 373 24.67 -14.29 -11.77
CA ALA B 373 25.34 -13.03 -11.38
C ALA B 373 24.51 -11.87 -11.88
N VAL B 374 24.39 -10.87 -11.03
CA VAL B 374 23.66 -9.66 -11.39
C VAL B 374 24.43 -8.88 -12.44
N HIS B 375 23.72 -8.42 -13.47
CA HIS B 375 24.35 -7.64 -14.54
C HIS B 375 24.10 -6.15 -14.31
N ALA B 376 25.12 -5.44 -13.86
CA ALA B 376 25.00 -4.03 -13.63
C ALA B 376 26.29 -3.29 -13.94
N PRO B 377 26.17 -1.99 -14.25
CA PRO B 377 27.37 -1.27 -14.67
C PRO B 377 28.44 -1.30 -13.60
N ALA B 378 29.69 -1.44 -14.04
CA ALA B 378 30.84 -1.45 -13.15
C ALA B 378 31.05 -0.10 -12.50
N SER B 379 31.42 -0.15 -11.23
CA SER B 379 31.64 1.04 -10.46
C SER B 379 32.60 0.66 -9.36
N GLU B 380 33.66 1.44 -9.19
CA GLU B 380 34.52 1.21 -8.05
C GLU B 380 34.40 2.42 -7.15
N GLY B 381 33.41 2.38 -6.27
CA GLY B 381 33.24 3.40 -5.26
C GLY B 381 32.17 4.41 -5.56
N PRO B 382 31.99 5.37 -4.66
CA PRO B 382 30.96 6.39 -4.79
C PRO B 382 31.00 7.09 -6.13
N GLU B 383 29.87 7.20 -6.81
CA GLU B 383 29.77 7.98 -8.02
C GLU B 383 29.26 9.40 -7.73
N GLN B 384 29.52 10.27 -8.69
CA GLN B 384 29.28 11.68 -8.54
C GLN B 384 28.18 12.14 -9.50
N ALA B 385 27.32 13.03 -9.03
CA ALA B 385 26.35 13.67 -9.89
C ALA B 385 26.06 15.05 -9.33
N GLY B 386 26.63 16.07 -9.93
CA GLY B 386 26.37 17.41 -9.47
C GLY B 386 26.95 17.53 -8.09
N ASP B 387 26.17 18.01 -7.12
CA ASP B 387 26.72 18.21 -5.79
C ASP B 387 26.50 17.00 -4.90
N LEU B 388 26.00 15.90 -5.49
CA LEU B 388 25.69 14.68 -4.74
C LEU B 388 26.61 13.54 -5.07
N THR B 389 26.97 12.82 -4.03
CA THR B 389 27.64 11.54 -4.14
C THR B 389 26.63 10.46 -3.91
N TYR B 390 26.70 9.40 -4.71
CA TYR B 390 25.85 8.26 -4.46
C TYR B 390 26.58 6.96 -4.66
N SER B 391 26.18 5.96 -3.90
CA SER B 391 26.79 4.66 -4.07
C SER B 391 25.74 3.62 -3.76
N LYS B 392 25.68 2.65 -4.65
CA LYS B 392 24.72 1.61 -4.62
C LYS B 392 24.96 0.75 -3.37
N ILE B 393 23.86 0.34 -2.75
CA ILE B 393 23.90 -0.62 -1.67
C ILE B 393 23.66 -2.03 -2.20
N TRP B 394 24.68 -2.90 -2.10
CA TRP B 394 24.61 -4.29 -2.56
C TRP B 394 24.45 -5.27 -1.41
N GLU B 395 25.32 -5.10 -0.43
CA GLU B 395 25.33 -5.95 0.76
C GLU B 395 24.16 -5.61 1.71
N ARG B 396 23.39 -6.62 2.04
CA ARG B 396 22.25 -6.44 2.89
C ARG B 396 22.33 -7.52 3.94
N GLN B 397 22.54 -7.12 5.18
CA GLN B 397 22.60 -8.09 6.27
C GLN B 397 21.20 -8.69 6.60
N LEU B 398 20.12 -7.93 6.38
CA LEU B 398 18.79 -8.38 6.76
C LEU B 398 18.10 -9.15 5.67
N SER B 399 17.61 -10.33 6.04
CA SER B 399 16.80 -11.16 5.16
C SER B 399 15.33 -10.74 5.19
N GLN B 400 14.51 -11.40 4.37
CA GLN B 400 13.14 -10.94 4.09
C GLN B 400 12.16 -12.13 3.99
N ALA B 401 11.12 -12.17 4.83
CA ALA B 401 10.20 -13.32 4.84
C ALA B 401 9.20 -13.29 3.69
N GLU B 402 8.89 -12.10 3.17
CA GLU B 402 7.92 -12.01 2.08
C GLU B 402 8.20 -10.81 1.21
N GLY B 403 8.94 -11.07 0.14
CA GLY B 403 9.48 -10.04 -0.68
C GLY B 403 9.08 -10.21 -2.11
N SER B 404 9.99 -9.76 -2.97
CA SER B 404 9.78 -9.78 -4.40
C SER B 404 9.55 -11.21 -4.80
N ASP B 405 8.58 -11.37 -5.69
CA ASP B 405 8.13 -12.66 -6.18
C ASP B 405 9.17 -13.40 -7.04
N ILE B 406 9.40 -14.67 -6.73
CA ILE B 406 10.04 -15.53 -7.71
C ILE B 406 8.93 -16.32 -8.38
N PRO B 407 8.73 -16.12 -9.70
CA PRO B 407 7.58 -16.74 -10.36
C PRO B 407 7.36 -18.21 -10.06
N ASP B 408 8.35 -19.08 -10.25
CA ASP B 408 8.18 -20.48 -9.77
C ASP B 408 9.52 -21.22 -9.74
N GLY B 409 10.21 -21.11 -8.60
CA GLY B 409 11.50 -21.75 -8.42
C GLY B 409 12.37 -21.10 -7.36
N VAL B 410 13.65 -21.39 -7.47
CA VAL B 410 14.66 -21.00 -6.51
C VAL B 410 15.66 -20.11 -7.25
N LEU B 411 16.05 -19.02 -6.61
CA LEU B 411 16.98 -18.10 -7.21
C LEU B 411 18.18 -17.87 -6.33
N TRP B 412 19.33 -18.25 -6.86
CA TRP B 412 20.64 -17.89 -6.32
C TRP B 412 21.05 -16.66 -7.10
N SER B 413 21.32 -15.58 -6.39
CA SER B 413 21.74 -14.36 -7.06
C SER B 413 22.90 -13.68 -6.35
N ILE B 414 23.97 -13.42 -7.10
CA ILE B 414 25.18 -12.83 -6.55
C ILE B 414 25.57 -11.57 -7.36
N HIS B 415 25.97 -10.53 -6.65
CA HIS B 415 26.61 -9.41 -7.32
C HIS B 415 28.06 -9.44 -6.97
N ILE B 416 28.88 -9.46 -8.00
CA ILE B 416 30.32 -9.48 -7.83
C ILE B 416 30.90 -8.14 -8.19
N ASP B 417 31.22 -7.30 -7.20
CA ASP B 417 31.68 -5.95 -7.53
C ASP B 417 33.20 -5.96 -7.80
N PRO B 418 33.70 -4.86 -8.43
CA PRO B 418 35.10 -4.76 -8.85
C PRO B 418 36.06 -4.99 -7.71
N SER B 419 35.71 -4.42 -6.56
CA SER B 419 36.51 -4.51 -5.35
C SER B 419 36.75 -5.96 -4.91
N GLY B 420 36.15 -6.94 -5.61
CA GLY B 420 36.31 -8.34 -5.27
C GLY B 420 35.16 -8.95 -4.46
N SER B 421 34.49 -8.12 -3.66
CA SER B 421 33.54 -8.63 -2.66
C SER B 421 32.15 -8.98 -3.25
N MET B 422 31.46 -9.90 -2.56
CA MET B 422 30.23 -10.45 -3.14
C MET B 422 29.05 -10.45 -2.19
N ALA B 423 27.92 -10.09 -2.74
CA ALA B 423 26.72 -9.95 -1.98
C ALA B 423 25.71 -10.83 -2.64
N GLY B 424 25.04 -11.65 -1.83
CA GLY B 424 24.14 -12.63 -2.37
C GLY B 424 22.81 -12.77 -1.69
N SER B 425 21.90 -13.38 -2.44
CA SER B 425 20.62 -13.78 -1.93
C SER B 425 20.27 -15.17 -2.41
N LEU B 426 19.66 -15.94 -1.51
CA LEU B 426 18.95 -17.15 -1.90
C LEU B 426 17.44 -16.95 -1.67
N GLY B 427 16.70 -16.94 -2.78
CA GLY B 427 15.29 -16.71 -2.76
C GLY B 427 14.54 -17.93 -3.19
N TYR B 428 13.41 -18.13 -2.55
CA TYR B 428 12.62 -19.29 -2.77
C TYR B 428 11.17 -19.01 -2.36
N ASN B 429 10.27 -19.86 -2.84
CA ASN B 429 8.88 -19.77 -2.52
C ASN B 429 8.54 -20.47 -1.18
N THR B 430 7.92 -19.71 -0.27
CA THR B 430 7.63 -20.21 1.08
C THR B 430 6.51 -21.26 1.09
N ASN B 431 5.71 -21.28 0.02
CA ASN B 431 4.72 -22.35 -0.18
C ASN B 431 5.34 -23.68 -0.67
N ARG B 432 6.65 -23.72 -0.85
CA ARG B 432 7.32 -24.97 -1.25
C ARG B 432 8.52 -25.39 -0.39
N PHE B 433 9.23 -24.42 0.21
CA PHE B 433 10.41 -24.70 1.01
C PHE B 433 10.30 -24.03 2.38
N LYS B 434 10.65 -24.77 3.42
CA LYS B 434 10.87 -24.18 4.74
C LYS B 434 12.21 -23.43 4.81
N ASP B 435 12.20 -22.39 5.64
CA ASP B 435 13.33 -21.51 5.87
C ASP B 435 14.60 -22.31 6.22
N GLU B 436 14.45 -23.27 7.12
CA GLU B 436 15.58 -24.03 7.65
C GLU B 436 16.23 -24.92 6.56
N THR B 437 15.42 -25.40 5.66
CA THR B 437 15.95 -26.13 4.53
C THR B 437 16.87 -25.27 3.71
N MET B 438 16.46 -24.02 3.47
CA MET B 438 17.20 -23.15 2.59
C MET B 438 18.41 -22.60 3.31
N ALA B 439 18.32 -22.43 4.62
CA ALA B 439 19.46 -21.99 5.39
C ALA B 439 20.59 -23.04 5.31
N ALA B 440 20.21 -24.31 5.37
CA ALA B 440 21.20 -25.41 5.32
C ALA B 440 21.77 -25.51 3.93
N PHE B 441 20.91 -25.40 2.92
CA PHE B 441 21.32 -25.29 1.51
C PHE B 441 22.38 -24.20 1.37
N LEU B 442 22.10 -23.03 1.92
CA LEU B 442 23.01 -21.92 1.74
C LEU B 442 24.34 -22.20 2.45
N ALA B 443 24.27 -22.67 3.69
CA ALA B 443 25.48 -22.94 4.43
C ALA B 443 26.31 -24.05 3.74
N ASP B 444 25.64 -25.04 3.15
CA ASP B 444 26.35 -26.07 2.40
C ASP B 444 27.07 -25.45 1.22
N TYR B 445 26.42 -24.57 0.49
CA TYR B 445 27.03 -23.97 -0.69
C TYR B 445 28.32 -23.28 -0.29
N LEU B 446 28.27 -22.47 0.77
CA LEU B 446 29.43 -21.67 1.15
C LEU B 446 30.53 -22.61 1.63
N ASP B 447 30.14 -23.75 2.18
CA ASP B 447 31.14 -24.76 2.59
C ASP B 447 31.82 -25.44 1.42
N VAL B 448 31.03 -25.91 0.48
CA VAL B 448 31.56 -26.43 -0.76
C VAL B 448 32.49 -25.39 -1.45
N LEU B 449 32.03 -24.14 -1.53
CA LEU B 449 32.77 -23.11 -2.22
C LEU B 449 34.12 -22.91 -1.54
N GLU B 450 34.14 -22.90 -0.21
CA GLU B 450 35.42 -22.70 0.48
C GLU B 450 36.39 -23.89 0.29
N ASN B 451 35.91 -25.11 0.45
CA ASN B 451 36.81 -26.27 0.34
C ASN B 451 37.34 -26.32 -1.11
N ALA B 452 36.48 -26.03 -2.07
CA ALA B 452 36.82 -26.17 -3.46
C ALA B 452 37.95 -25.20 -3.83
N VAL B 453 37.83 -23.97 -3.36
CA VAL B 453 38.75 -22.91 -3.70
C VAL B 453 40.04 -23.08 -2.90
N ALA B 454 39.92 -23.64 -1.70
CA ALA B 454 41.09 -23.88 -0.84
C ALA B 454 41.99 -24.97 -1.41
N ARG B 455 41.41 -25.93 -2.12
CA ARG B 455 42.20 -27.04 -2.68
C ARG B 455 41.63 -27.44 -4.04
N PRO B 456 41.84 -26.58 -5.03
CA PRO B 456 41.20 -26.76 -6.33
C PRO B 456 41.69 -27.96 -7.11
N ASP B 457 42.90 -28.46 -6.84
CA ASP B 457 43.43 -29.64 -7.53
C ASP B 457 43.35 -30.91 -6.70
N ALA B 458 42.90 -30.80 -5.45
CA ALA B 458 42.62 -31.98 -4.65
C ALA B 458 41.70 -32.94 -5.39
N PRO B 459 42.00 -34.24 -5.34
CA PRO B 459 41.11 -35.26 -5.91
C PRO B 459 39.76 -35.28 -5.23
N PHE B 460 38.78 -35.95 -5.82
CA PHE B 460 37.43 -35.98 -5.24
C PHE B 460 37.13 -37.26 -4.42
#